data_5ZMV
#
_entry.id   5ZMV
#
_cell.length_a   71.200
_cell.length_b   71.200
_cell.length_c   589.187
_cell.angle_alpha   90.00
_cell.angle_beta   90.00
_cell.angle_gamma   90.00
#
_symmetry.space_group_name_H-M   'P 41 21 2'
#
loop_
_entity.id
_entity.type
_entity.pdbx_description
1 polymer 'Sarcoplasmic/endoplasmic reticulum calcium ATPase 1'
2 non-polymer 'SULFATE ION'
3 non-polymer 'SODIUM ION'
4 non-polymer 'OCTANOIC ACID [3S-[3ALPHA, 3ABETA, 4ALPHA, 6BETA, 6ABETA, 7BETA, 8ALPHA(Z), 9BALPHA]]-6-(ACETYLOXY)-2,3,-3A,4,5,6,6A,7,8,9B-DECAHYDRO-3,3A-DIHYDROXY-3,6,9-TRIMETHYL-8-[(2-METHYL-1-OXO-2-BUTENYL)OX Y]-2-OXO-4-(1-OXOBUTOXY)-AZULENO[4,5-B]FURAN-7-YL ESTER'
5 non-polymer PHOSPHATIDYLETHANOLAMINE
#
_entity_poly.entity_id   1
_entity_poly.type   'polypeptide(L)'
_entity_poly.pdbx_seq_one_letter_code
;SDNAIAMEAAHSKSTEECLAYFGVSETTGLTPDQVKRHLEKYGHNELPAEEGKSLWELVIEQFEDLLVRILLLAACISFV
LAWFEEGEETITAFVEPFVILLILIANAIVGVWQERNAENAIEALKEYEPEMGKVYRADRKSVQRIKARDIVPGDIVEVA
VGDKVPADIRILSIKSTTLRVDQSILTGESVSVIKHTEPVPDPRAVNQDKKNMLFSGTNIAAGKALGIVATTGVSTEIGK
IRDQMAATEQDKTPLQQKLDEFGEQLSKVISLICVAVWLINIGHFNDPVHGGSWIRGAIYYFKIAVALAVAAIPAGLPAV
ITTCLALGTRRMAKKNAIVRSLPSVETLGCTSVICSDKTGTLTTNQMSVCKMFIIDKVDGDFCSLNEFSITGSTYAPEGE
VLKNDKPIRSGQFDGLVELATICALCNDSSLDFNETKGVYEKVGEATETALTTLVEKMNVFNTEVRNLSKVERANACNSV
IRQLMKKEFTLEFSRDRKSMSVYCSPAKSSRAAVGNKMFVKGAPEGVIDRCNYVRVGTTRVPMTGPVKEKILSVIKEWGT
GRDTLRCLALATRDTPPKREEMVLDDSSRFMEYETDLTFVGVVGMLDPPRKEVMGSIQLCRDAGIRVIMITGDNKGTAIA
ICRRIGIFGENEEVADRAYTGREFDDLPLAEQREACRRACCFARVEPSHKSKIVEYLQSYDEITAMTGDGVNDAPALKKA
EIGIAMGSGTAVAKTASEMVLADDNFSTIVAAVEEGRAIYNNMKQFIRYLISSNVGEVVCIFLTAALGLPEALIPVQLLW
VNLVTDGLPATALGFNPPDLDIMDRPPRSPKEPLISGWLFFRYMAIGGYVGAATVGAAAWWFMYAEDGPGVTYHQLTHFM
QCTEDHPHFEGLDCEIFEAPEPMTMALSVLVTIEMCNALNSLSENQSLMRMPPWVNIWLLGSICLSMSLHFLILYVDPLP
MIFKLKALDLTQWLMVLKISLPVIGLDEILKFIARNYLEG
;
_entity_poly.pdbx_strand_id   A
#
# COMPACT_ATOMS: atom_id res chain seq x y z
N ASP A 2 -33.10 -1.95 14.30
CA ASP A 2 -31.78 -1.83 14.91
C ASP A 2 -31.86 -1.92 16.42
N ASN A 3 -31.09 -2.83 17.01
CA ASN A 3 -31.16 -3.09 18.45
C ASN A 3 -29.79 -3.51 18.96
N ALA A 4 -28.74 -2.75 18.61
CA ALA A 4 -27.39 -3.07 19.04
C ALA A 4 -27.12 -2.56 20.45
N ILE A 5 -26.54 -1.37 20.55
CA ILE A 5 -26.14 -0.81 21.85
C ILE A 5 -26.07 0.70 21.72
N ALA A 6 -26.42 1.39 22.81
CA ALA A 6 -26.34 2.85 22.91
C ALA A 6 -27.30 3.56 21.96
N MET A 7 -27.10 4.85 21.76
CA MET A 7 -28.00 5.66 20.95
C MET A 7 -27.83 5.30 19.47
N GLU A 8 -28.89 4.78 18.86
CA GLU A 8 -28.84 4.33 17.47
C GLU A 8 -28.63 5.50 16.50
N ALA A 9 -29.74 6.06 16.01
CA ALA A 9 -29.68 7.13 15.03
C ALA A 9 -29.76 8.50 15.72
N ALA A 10 -28.74 8.77 16.53
CA ALA A 10 -28.70 9.99 17.32
C ALA A 10 -28.85 11.24 16.46
N HIS A 11 -28.40 11.18 15.21
CA HIS A 11 -28.48 12.36 14.35
C HIS A 11 -29.91 12.63 13.90
N SER A 12 -30.73 11.58 13.76
CA SER A 12 -32.12 11.74 13.34
C SER A 12 -33.06 12.02 14.50
N LYS A 13 -32.62 11.81 15.73
CA LYS A 13 -33.42 12.12 16.91
C LYS A 13 -33.26 13.58 17.27
N SER A 14 -34.34 14.20 17.75
CA SER A 14 -34.28 15.59 18.18
C SER A 14 -33.51 15.69 19.49
N THR A 15 -33.15 16.93 19.86
CA THR A 15 -32.40 17.14 21.10
C THR A 15 -33.19 16.70 22.32
N GLU A 16 -34.53 16.81 22.27
CA GLU A 16 -35.35 16.37 23.40
C GLU A 16 -35.36 14.85 23.48
N GLU A 17 -35.49 14.16 22.34
CA GLU A 17 -35.54 12.70 22.35
C GLU A 17 -34.23 12.10 22.85
N CYS A 18 -33.12 12.81 22.68
CA CYS A 18 -31.85 12.32 23.19
C CYS A 18 -31.78 12.42 24.71
N LEU A 19 -32.16 13.58 25.25
CA LEU A 19 -32.14 13.76 26.70
C LEU A 19 -33.16 12.85 27.39
N ALA A 20 -34.27 12.54 26.72
CA ALA A 20 -35.25 11.63 27.28
C ALA A 20 -34.84 10.16 27.12
N TYR A 21 -33.99 9.85 26.15
CA TYR A 21 -33.56 8.47 25.96
C TYR A 21 -32.73 7.99 27.15
N PHE A 22 -31.70 8.76 27.52
CA PHE A 22 -30.85 8.40 28.64
C PHE A 22 -31.40 8.87 29.98
N GLY A 23 -32.42 9.72 29.98
CA GLY A 23 -32.99 10.22 31.21
C GLY A 23 -32.04 11.15 31.94
N VAL A 24 -31.46 12.10 31.21
CA VAL A 24 -30.43 12.98 31.73
C VAL A 24 -30.80 14.42 31.42
N SER A 25 -30.72 15.29 32.43
CA SER A 25 -31.00 16.69 32.25
C SER A 25 -29.79 17.41 31.65
N GLU A 26 -30.07 18.38 30.78
CA GLU A 26 -28.97 19.11 30.13
C GLU A 26 -28.29 20.08 31.09
N THR A 27 -29.02 20.57 32.09
CA THR A 27 -28.46 21.53 33.02
C THR A 27 -27.64 20.85 34.11
N THR A 28 -28.13 19.71 34.62
CA THR A 28 -27.45 19.01 35.70
C THR A 28 -26.50 17.93 35.19
N GLY A 29 -27.02 17.05 34.34
CA GLY A 29 -26.22 15.96 33.81
C GLY A 29 -26.56 14.64 34.45
N LEU A 30 -25.67 13.67 34.24
CA LEU A 30 -25.85 12.33 34.78
C LEU A 30 -25.58 12.31 36.27
N THR A 31 -26.37 11.53 37.00
CA THR A 31 -26.15 11.31 38.42
C THR A 31 -25.05 10.27 38.62
N PRO A 32 -24.37 10.29 39.77
CA PRO A 32 -23.32 9.29 40.03
C PRO A 32 -23.82 7.86 39.96
N ASP A 33 -25.13 7.64 40.15
CA ASP A 33 -25.69 6.30 39.95
C ASP A 33 -25.75 5.95 38.46
N GLN A 34 -26.12 6.91 37.61
CA GLN A 34 -26.17 6.65 36.18
C GLN A 34 -24.77 6.50 35.58
N VAL A 35 -23.76 7.09 36.22
CA VAL A 35 -22.39 6.92 35.74
C VAL A 35 -21.93 5.49 35.95
N LYS A 36 -22.18 4.95 37.14
CA LYS A 36 -21.88 3.54 37.40
C LYS A 36 -22.68 2.63 36.49
N ARG A 37 -23.96 2.93 36.28
CA ARG A 37 -24.82 2.05 35.49
C ARG A 37 -24.42 2.07 34.02
N HIS A 38 -24.20 3.25 33.46
CA HIS A 38 -23.87 3.33 32.03
C HIS A 38 -22.45 2.84 31.76
N LEU A 39 -21.54 2.98 32.72
CA LEU A 39 -20.18 2.46 32.55
C LEU A 39 -20.15 0.94 32.62
N GLU A 40 -21.02 0.35 33.45
CA GLU A 40 -21.11 -1.09 33.56
C GLU A 40 -21.74 -1.72 32.33
N LYS A 41 -22.67 -1.02 31.70
CA LYS A 41 -23.43 -1.58 30.58
C LYS A 41 -22.67 -1.43 29.25
N TYR A 42 -22.23 -0.21 28.94
CA TYR A 42 -21.57 0.06 27.68
C TYR A 42 -20.05 -0.08 27.75
N GLY A 43 -19.48 -0.05 28.96
CA GLY A 43 -18.05 -0.14 29.10
C GLY A 43 -17.38 1.20 29.08
N HIS A 44 -16.05 1.16 29.07
CA HIS A 44 -15.25 2.38 29.04
C HIS A 44 -15.13 2.91 27.63
N ASN A 45 -14.88 4.22 27.52
CA ASN A 45 -14.78 4.90 26.23
C ASN A 45 -13.33 4.86 25.77
N GLU A 46 -12.95 3.74 25.15
CA GLU A 46 -11.59 3.56 24.66
C GLU A 46 -11.56 2.39 23.68
N LEU A 47 -10.57 2.42 22.79
CA LEU A 47 -10.34 1.30 21.89
C LEU A 47 -9.57 0.20 22.64
N PRO A 48 -9.91 -1.06 22.42
CA PRO A 48 -9.31 -2.14 23.22
C PRO A 48 -7.81 -2.26 22.99
N ALA A 49 -7.11 -2.64 24.05
CA ALA A 49 -5.65 -2.72 24.01
C ALA A 49 -5.20 -3.86 23.10
N GLU A 50 -4.05 -3.67 22.48
CA GLU A 50 -3.47 -4.69 21.62
C GLU A 50 -2.97 -5.87 22.45
N GLU A 51 -2.91 -7.03 21.82
CA GLU A 51 -2.45 -8.25 22.47
C GLU A 51 -0.96 -8.12 22.79
N GLY A 52 -0.63 -7.91 24.06
CA GLY A 52 0.75 -7.79 24.48
C GLY A 52 1.56 -9.03 24.23
N LYS A 53 1.96 -9.24 22.97
CA LYS A 53 2.79 -10.37 22.60
C LYS A 53 4.11 -10.33 23.37
N SER A 54 4.26 -11.24 24.32
CA SER A 54 5.43 -11.21 25.19
C SER A 54 6.69 -11.56 24.41
N LEU A 55 7.84 -11.21 25.01
CA LEU A 55 9.13 -11.57 24.43
C LEU A 55 9.27 -13.09 24.33
N TRP A 56 8.87 -13.82 25.37
CA TRP A 56 8.97 -15.28 25.35
C TRP A 56 8.09 -15.86 24.26
N GLU A 57 6.84 -15.42 24.17
CA GLU A 57 5.97 -15.84 23.08
C GLU A 57 6.54 -15.45 21.73
N LEU A 58 7.26 -14.33 21.67
CA LEU A 58 7.85 -13.90 20.41
C LEU A 58 9.04 -14.77 20.02
N VAL A 59 9.86 -15.16 21.01
CA VAL A 59 11.00 -16.03 20.71
C VAL A 59 10.53 -17.41 20.28
N ILE A 60 9.45 -17.91 20.89
CA ILE A 60 8.92 -19.22 20.51
C ILE A 60 8.42 -19.19 19.07
N GLU A 61 7.88 -18.05 18.62
CA GLU A 61 7.40 -17.95 17.25
C GLU A 61 8.54 -18.07 16.24
N GLN A 62 9.77 -17.75 16.64
CA GLN A 62 10.90 -17.89 15.73
C GLN A 62 11.29 -19.35 15.52
N PHE A 63 10.81 -20.26 16.37
CA PHE A 63 11.07 -21.68 16.23
C PHE A 63 9.82 -22.46 15.89
N GLU A 64 8.89 -21.84 15.16
CA GLU A 64 7.68 -22.51 14.72
C GLU A 64 7.73 -22.92 13.25
N ASP A 65 8.59 -22.28 12.45
CA ASP A 65 8.77 -22.69 11.06
C ASP A 65 9.27 -24.12 11.00
N LEU A 66 8.97 -24.79 9.88
CA LEU A 66 9.33 -26.19 9.74
C LEU A 66 10.83 -26.37 9.60
N LEU A 67 11.48 -25.56 8.78
CA LEU A 67 12.90 -25.77 8.50
C LEU A 67 13.76 -25.48 9.73
N VAL A 68 13.39 -24.47 10.52
CA VAL A 68 14.16 -24.17 11.73
C VAL A 68 13.95 -25.25 12.78
N ARG A 69 12.85 -26.00 12.71
CA ARG A 69 12.68 -27.15 13.60
C ARG A 69 13.64 -28.27 13.25
N ILE A 70 13.83 -28.53 11.95
CA ILE A 70 14.77 -29.56 11.52
C ILE A 70 16.18 -29.20 11.94
N LEU A 71 16.58 -27.94 11.74
CA LEU A 71 17.91 -27.52 12.16
C LEU A 71 18.07 -27.61 13.67
N LEU A 72 17.01 -27.30 14.42
CA LEU A 72 17.07 -27.45 15.87
C LEU A 72 17.25 -28.92 16.25
N LEU A 73 16.52 -29.81 15.59
CA LEU A 73 16.68 -31.24 15.84
C LEU A 73 18.07 -31.70 15.43
N ALA A 74 18.56 -31.22 14.28
CA ALA A 74 19.92 -31.55 13.87
C ALA A 74 20.95 -30.93 14.81
N ALA A 75 20.63 -29.77 15.40
CA ALA A 75 21.53 -29.20 16.40
C ALA A 75 21.62 -30.10 17.62
N CYS A 76 20.50 -30.75 17.99
CA CYS A 76 20.51 -31.62 19.15
C CYS A 76 21.33 -32.88 18.90
N ILE A 77 21.14 -33.51 17.73
CA ILE A 77 21.93 -34.69 17.39
C ILE A 77 23.41 -34.34 17.32
N SER A 78 23.73 -33.18 16.72
CA SER A 78 25.13 -32.75 16.68
C SER A 78 25.66 -32.45 18.07
N PHE A 79 24.81 -31.94 18.96
CA PHE A 79 25.22 -31.68 20.34
C PHE A 79 25.47 -33.00 21.08
N VAL A 80 24.60 -33.98 20.88
CA VAL A 80 24.81 -35.30 21.49
C VAL A 80 26.08 -35.94 20.94
N LEU A 81 26.21 -35.97 19.62
CA LEU A 81 27.38 -36.62 19.00
C LEU A 81 28.68 -35.92 19.38
N ALA A 82 28.62 -34.61 19.66
CA ALA A 82 29.80 -33.89 20.13
C ALA A 82 30.15 -34.19 21.57
N TRP A 83 29.25 -34.83 22.32
CA TRP A 83 29.52 -35.22 23.71
C TRP A 83 29.97 -36.67 23.79
N PHE A 84 29.14 -37.61 23.34
CA PHE A 84 29.45 -39.04 23.42
C PHE A 84 30.42 -39.39 22.30
N GLU A 85 31.71 -39.16 22.58
CA GLU A 85 32.77 -39.41 21.61
C GLU A 85 34.08 -39.63 22.35
N GLU A 86 34.97 -40.40 21.75
CA GLU A 86 36.27 -40.73 22.32
C GLU A 86 37.36 -39.94 21.61
N GLY A 87 38.15 -39.21 22.38
CA GLY A 87 39.22 -38.41 21.84
C GLY A 87 39.64 -37.32 22.80
N GLU A 88 40.52 -36.44 22.31
CA GLU A 88 41.03 -35.34 23.11
C GLU A 88 40.99 -34.01 22.37
N GLU A 89 40.46 -33.98 21.16
CA GLU A 89 40.39 -32.76 20.34
C GLU A 89 38.96 -32.22 20.35
N THR A 90 38.64 -31.49 21.42
CA THR A 90 37.33 -30.83 21.54
C THR A 90 37.34 -29.41 20.98
N ILE A 91 38.47 -28.95 20.44
CA ILE A 91 38.53 -27.65 19.77
C ILE A 91 37.85 -27.70 18.41
N THR A 92 37.52 -28.89 17.92
CA THR A 92 36.79 -29.06 16.66
C THR A 92 35.61 -30.01 16.81
N ALA A 93 35.09 -30.17 18.03
CA ALA A 93 33.97 -31.07 18.32
C ALA A 93 32.66 -30.33 18.54
N PHE A 94 32.59 -29.49 19.57
CA PHE A 94 31.41 -28.69 19.83
C PHE A 94 31.29 -27.50 18.89
N VAL A 95 32.18 -27.38 17.90
CA VAL A 95 32.09 -26.29 16.94
C VAL A 95 30.82 -26.42 16.11
N GLU A 96 30.59 -27.60 15.53
CA GLU A 96 29.44 -27.80 14.65
C GLU A 96 28.10 -27.50 15.33
N PRO A 97 27.79 -28.04 16.51
CA PRO A 97 26.50 -27.70 17.12
C PRO A 97 26.38 -26.24 17.51
N PHE A 98 27.50 -25.60 17.87
CA PHE A 98 27.45 -24.19 18.25
C PHE A 98 27.09 -23.30 17.07
N VAL A 99 27.58 -23.66 15.88
CA VAL A 99 27.28 -22.86 14.69
C VAL A 99 25.79 -22.94 14.37
N ILE A 100 25.25 -24.15 14.34
CA ILE A 100 23.81 -24.34 14.08
C ILE A 100 22.99 -23.54 15.08
N LEU A 101 23.37 -23.59 16.36
CA LEU A 101 22.67 -22.83 17.37
C LEU A 101 22.84 -21.32 17.14
N LEU A 102 24.05 -20.88 16.80
CA LEU A 102 24.30 -19.47 16.59
C LEU A 102 23.45 -18.93 15.45
N ILE A 103 23.31 -19.71 14.37
CA ILE A 103 22.44 -19.30 13.27
C ILE A 103 21.00 -19.23 13.74
N LEU A 104 20.56 -20.24 14.50
CA LEU A 104 19.21 -20.23 15.04
C LEU A 104 19.00 -19.04 15.96
N ILE A 105 19.99 -18.74 16.81
CA ILE A 105 19.88 -17.58 17.69
C ILE A 105 19.87 -16.30 16.89
N ALA A 106 20.83 -16.15 15.96
CA ALA A 106 20.87 -14.97 15.11
C ALA A 106 19.59 -14.83 14.30
N ASN A 107 18.98 -15.96 13.91
CA ASN A 107 17.71 -15.91 13.20
C ASN A 107 16.59 -15.41 14.11
N ALA A 108 16.57 -15.87 15.36
CA ALA A 108 15.54 -15.41 16.29
C ALA A 108 15.72 -13.95 16.65
N ILE A 109 16.98 -13.47 16.67
CA ILE A 109 17.23 -12.07 16.98
C ILE A 109 16.56 -11.15 15.97
N VAL A 110 16.63 -11.52 14.69
CA VAL A 110 16.08 -10.67 13.63
C VAL A 110 14.56 -10.57 13.77
N GLY A 111 13.90 -11.70 14.02
CA GLY A 111 12.44 -11.70 14.13
C GLY A 111 11.94 -10.79 15.23
N VAL A 112 12.68 -10.73 16.35
CA VAL A 112 12.30 -9.84 17.44
C VAL A 112 12.60 -8.40 17.07
N TRP A 113 13.70 -8.16 16.35
CA TRP A 113 14.08 -6.80 15.97
C TRP A 113 13.03 -6.17 15.05
N GLN A 114 12.27 -6.99 14.32
CA GLN A 114 11.21 -6.46 13.48
C GLN A 114 9.95 -6.17 14.28
N GLU A 115 9.56 -7.09 15.17
CA GLU A 115 8.34 -6.91 15.95
C GLU A 115 8.46 -5.74 16.91
N ARG A 116 9.66 -5.48 17.44
CA ARG A 116 9.83 -4.30 18.29
C ARG A 116 9.67 -3.02 17.49
N ASN A 117 10.04 -3.03 16.22
CA ASN A 117 9.99 -1.86 15.36
C ASN A 117 8.75 -1.81 14.49
N ALA A 118 7.90 -2.83 14.54
CA ALA A 118 6.66 -2.84 13.76
C ALA A 118 5.55 -2.17 14.55
N GLU A 119 4.68 -1.45 13.83
CA GLU A 119 3.56 -0.74 14.44
C GLU A 119 2.32 -0.92 13.57
N ASN A 120 1.31 -1.59 14.11
CA ASN A 120 0.08 -1.79 13.35
C ASN A 120 -0.71 -0.49 13.27
N ALA A 121 -1.64 -0.44 12.31
CA ALA A 121 -2.47 0.74 12.12
C ALA A 121 -3.59 0.84 13.14
N ILE A 122 -3.94 -0.25 13.80
CA ILE A 122 -4.99 -0.21 14.81
C ILE A 122 -4.53 0.59 16.03
N GLU A 123 -3.24 0.47 16.38
CA GLU A 123 -2.67 1.27 17.46
C GLU A 123 -2.45 2.72 17.04
N ALA A 124 -2.37 2.99 15.74
CA ALA A 124 -2.32 4.37 15.26
C ALA A 124 -3.65 5.10 15.46
N LEU A 125 -4.77 4.36 15.52
CA LEU A 125 -6.06 4.99 15.77
C LEU A 125 -6.14 5.58 17.17
N LYS A 126 -5.37 5.05 18.12
CA LYS A 126 -5.36 5.57 19.48
C LYS A 126 -4.66 6.92 19.58
N GLU A 127 -4.14 7.44 18.47
CA GLU A 127 -3.63 8.81 18.42
C GLU A 127 -4.74 9.84 18.40
N TYR A 128 -5.94 9.46 17.97
CA TYR A 128 -7.05 10.38 17.83
C TYR A 128 -8.00 10.37 19.03
N GLU A 129 -7.64 9.69 20.11
CA GLU A 129 -8.46 9.73 21.31
C GLU A 129 -7.76 10.54 22.39
N PRO A 130 -8.33 11.66 22.84
CA PRO A 130 -7.64 12.52 23.80
C PRO A 130 -7.63 11.90 25.19
N GLU A 131 -6.84 12.52 26.07
CA GLU A 131 -6.70 12.01 27.43
C GLU A 131 -7.81 12.49 28.34
N MET A 132 -8.22 13.75 28.21
CA MET A 132 -9.20 14.35 29.10
C MET A 132 -10.42 14.79 28.31
N GLY A 133 -11.52 14.94 29.03
CA GLY A 133 -12.77 15.41 28.44
C GLY A 133 -13.60 16.13 29.46
N LYS A 134 -14.32 17.15 29.00
CA LYS A 134 -15.09 18.03 29.87
C LYS A 134 -16.55 17.58 29.89
N VAL A 135 -17.08 17.32 31.09
CA VAL A 135 -18.43 16.80 31.27
C VAL A 135 -19.15 17.62 32.34
N TYR A 136 -20.47 17.52 32.32
CA TYR A 136 -21.34 18.11 33.34
C TYR A 136 -22.14 16.98 33.99
N ARG A 137 -21.94 16.80 35.30
CA ARG A 137 -22.63 15.75 36.04
C ARG A 137 -23.30 16.37 37.27
N ALA A 138 -24.18 15.58 37.89
CA ALA A 138 -25.07 16.08 38.93
C ALA A 138 -24.38 16.28 40.28
N ASP A 139 -23.17 15.73 40.47
CA ASP A 139 -22.49 15.87 41.75
C ASP A 139 -21.74 17.19 41.89
N ARG A 140 -21.78 18.06 40.88
CA ARG A 140 -21.12 19.35 40.95
C ARG A 140 -21.92 20.37 40.14
N LYS A 141 -21.52 21.63 40.27
CA LYS A 141 -22.13 22.73 39.53
C LYS A 141 -21.34 23.11 38.28
N SER A 142 -20.05 23.39 38.45
CA SER A 142 -19.22 23.81 37.33
C SER A 142 -18.78 22.61 36.50
N VAL A 143 -18.16 22.90 35.36
CA VAL A 143 -17.67 21.87 34.46
C VAL A 143 -16.39 21.26 35.01
N GLN A 144 -16.26 19.94 34.89
CA GLN A 144 -15.12 19.20 35.40
C GLN A 144 -14.54 18.33 34.30
N ARG A 145 -13.22 18.35 34.15
CA ARG A 145 -12.53 17.56 33.13
C ARG A 145 -12.07 16.24 33.74
N ILE A 146 -12.56 15.14 33.18
CA ILE A 146 -12.18 13.80 33.63
C ILE A 146 -11.45 13.11 32.49
N LYS A 147 -11.01 11.87 32.73
CA LYS A 147 -10.38 11.09 31.68
C LYS A 147 -11.41 10.64 30.66
N ALA A 148 -11.05 10.72 29.39
CA ALA A 148 -12.02 10.45 28.32
C ALA A 148 -12.52 9.01 28.38
N ARG A 149 -11.74 8.10 28.95
CA ARG A 149 -12.18 6.70 29.06
C ARG A 149 -13.31 6.53 30.05
N ASP A 150 -13.52 7.50 30.95
CA ASP A 150 -14.61 7.45 31.92
C ASP A 150 -15.91 8.03 31.38
N ILE A 151 -15.90 8.64 30.20
CA ILE A 151 -17.11 9.23 29.63
C ILE A 151 -18.02 8.12 29.14
N VAL A 152 -19.30 8.24 29.44
CA VAL A 152 -20.28 7.19 29.14
C VAL A 152 -21.36 7.79 28.24
N PRO A 153 -22.04 6.95 27.45
CA PRO A 153 -23.15 7.45 26.63
C PRO A 153 -24.24 8.05 27.50
N GLY A 154 -24.73 9.22 27.10
CA GLY A 154 -25.67 9.98 27.89
C GLY A 154 -25.04 11.11 28.69
N ASP A 155 -23.72 11.23 28.67
CA ASP A 155 -23.04 12.29 29.39
C ASP A 155 -23.25 13.63 28.69
N ILE A 156 -23.30 14.70 29.48
CA ILE A 156 -23.39 16.05 28.96
C ILE A 156 -21.96 16.58 28.85
N VAL A 157 -21.42 16.57 27.65
CA VAL A 157 -20.03 16.94 27.41
C VAL A 157 -19.96 18.37 26.88
N GLU A 158 -18.84 19.03 27.13
CA GLU A 158 -18.57 20.37 26.65
C GLU A 158 -17.25 20.37 25.90
N VAL A 159 -17.25 20.97 24.70
CA VAL A 159 -16.04 21.06 23.88
C VAL A 159 -15.90 22.49 23.38
N ALA A 160 -14.67 22.89 23.10
CA ALA A 160 -14.36 24.21 22.59
C ALA A 160 -13.23 24.09 21.57
N VAL A 161 -12.86 25.24 20.99
CA VAL A 161 -11.86 25.24 19.93
C VAL A 161 -10.53 24.72 20.46
N GLY A 162 -9.89 23.84 19.67
CA GLY A 162 -8.67 23.20 20.05
C GLY A 162 -8.85 21.84 20.70
N ASP A 163 -9.99 21.62 21.35
CA ASP A 163 -10.27 20.33 21.97
C ASP A 163 -10.42 19.25 20.91
N LYS A 164 -10.10 18.02 21.31
CA LYS A 164 -10.30 16.85 20.46
C LYS A 164 -11.56 16.13 20.95
N VAL A 165 -12.49 15.90 20.03
CA VAL A 165 -13.81 15.36 20.37
C VAL A 165 -13.65 13.97 20.99
N PRO A 166 -14.03 13.78 22.25
CA PRO A 166 -13.73 12.50 22.91
C PRO A 166 -14.61 11.35 22.45
N ALA A 167 -15.88 11.61 22.18
CA ALA A 167 -16.82 10.56 21.78
C ALA A 167 -17.74 11.09 20.70
N ASP A 168 -18.52 10.19 20.11
CA ASP A 168 -19.58 10.60 19.20
C ASP A 168 -20.64 11.36 20.00
N ILE A 169 -20.85 12.64 19.65
CA ILE A 169 -21.65 13.53 20.47
C ILE A 169 -22.76 14.13 19.63
N ARG A 170 -24.00 13.96 20.08
CA ARG A 170 -25.13 14.67 19.49
C ARG A 170 -25.17 16.08 20.07
N ILE A 171 -25.10 17.08 19.20
CA ILE A 171 -25.02 18.46 19.66
C ILE A 171 -26.36 18.92 20.21
N LEU A 172 -26.36 19.45 21.42
CA LEU A 172 -27.55 19.98 22.07
C LEU A 172 -27.71 21.48 21.86
N SER A 173 -26.66 22.26 22.18
CA SER A 173 -26.75 23.71 22.14
C SER A 173 -25.37 24.28 21.81
N ILE A 174 -25.32 25.18 20.83
CA ILE A 174 -24.08 25.81 20.39
C ILE A 174 -23.99 27.16 21.09
N LYS A 175 -23.14 27.23 22.13
CA LYS A 175 -23.04 28.44 22.92
C LYS A 175 -22.44 29.60 22.13
N SER A 176 -21.54 29.31 21.20
CA SER A 176 -20.88 30.35 20.43
C SER A 176 -21.74 30.74 19.22
N THR A 177 -21.21 31.64 18.41
CA THR A 177 -21.92 32.09 17.21
C THR A 177 -22.10 30.94 16.23
N THR A 178 -20.98 30.39 15.73
CA THR A 178 -20.99 29.24 14.86
C THR A 178 -20.06 28.18 15.43
N LEU A 179 -20.20 26.96 14.93
CA LEU A 179 -19.36 25.84 15.35
C LEU A 179 -18.72 25.22 14.11
N ARG A 180 -17.39 25.24 14.07
CA ARG A 180 -16.63 24.65 12.98
C ARG A 180 -15.79 23.50 13.52
N VAL A 181 -15.81 22.36 12.81
CA VAL A 181 -15.15 21.14 13.24
C VAL A 181 -14.22 20.67 12.14
N ASP A 182 -13.02 20.23 12.52
CA ASP A 182 -12.01 19.74 11.59
C ASP A 182 -12.15 18.23 11.47
N GLN A 183 -13.01 17.78 10.56
CA GLN A 183 -13.21 16.36 10.29
C GLN A 183 -12.23 15.84 9.25
N SER A 184 -11.00 16.35 9.27
CA SER A 184 -10.02 15.96 8.26
C SER A 184 -9.54 14.53 8.45
N ILE A 185 -9.56 14.03 9.69
CA ILE A 185 -9.06 12.69 9.94
C ILE A 185 -9.96 11.63 9.32
N LEU A 186 -11.24 11.94 9.09
CA LEU A 186 -12.14 10.98 8.47
C LEU A 186 -11.96 11.00 6.95
N THR A 187 -12.37 12.10 6.31
CA THR A 187 -12.26 12.22 4.87
C THR A 187 -10.85 12.64 4.46
N GLY A 188 -10.75 13.60 3.53
CA GLY A 188 -9.46 14.10 3.11
C GLY A 188 -9.40 15.62 3.13
N GLU A 189 -10.56 16.25 2.99
CA GLU A 189 -10.64 17.72 3.00
C GLU A 189 -10.48 18.22 4.44
N SER A 190 -9.51 19.11 4.64
CA SER A 190 -9.31 19.77 5.92
C SER A 190 -10.22 20.98 6.09
N VAL A 191 -11.18 21.16 5.19
CA VAL A 191 -12.07 22.33 5.24
C VAL A 191 -13.05 22.14 6.39
N SER A 192 -13.00 23.05 7.35
CA SER A 192 -13.86 22.96 8.52
C SER A 192 -15.33 23.08 8.12
N VAL A 193 -16.18 22.26 8.72
CA VAL A 193 -17.60 22.19 8.38
C VAL A 193 -18.41 22.83 9.50
N ILE A 194 -19.55 23.38 9.14
CA ILE A 194 -20.43 24.07 10.08
C ILE A 194 -21.44 23.05 10.62
N LYS A 195 -21.63 23.06 11.93
CA LYS A 195 -22.55 22.17 12.60
C LYS A 195 -23.77 22.94 13.11
N HIS A 196 -24.85 22.21 13.35
CA HIS A 196 -26.09 22.78 13.85
C HIS A 196 -26.64 21.87 14.94
N THR A 197 -27.82 22.22 15.44
CA THR A 197 -28.49 21.45 16.49
C THR A 197 -29.77 20.79 16.02
N GLU A 198 -30.17 21.00 14.77
CA GLU A 198 -31.41 20.46 14.25
C GLU A 198 -31.21 19.02 13.76
N PRO A 199 -32.22 18.16 13.92
CA PRO A 199 -32.05 16.75 13.53
C PRO A 199 -31.98 16.58 12.02
N VAL A 200 -31.37 15.46 11.62
CA VAL A 200 -31.22 15.08 10.23
C VAL A 200 -32.23 13.96 9.94
N PRO A 201 -33.23 14.19 9.08
CA PRO A 201 -34.37 13.26 9.00
C PRO A 201 -34.03 11.85 8.52
N ASP A 202 -32.80 11.59 8.08
CA ASP A 202 -32.44 10.27 7.57
C ASP A 202 -31.78 9.45 8.66
N PRO A 203 -32.39 8.33 9.08
CA PRO A 203 -31.69 7.46 10.05
C PRO A 203 -30.42 6.87 9.48
N ARG A 204 -30.42 6.52 8.20
CA ARG A 204 -29.25 5.93 7.55
C ARG A 204 -28.52 6.96 6.69
N ALA A 205 -28.19 8.09 7.30
CA ALA A 205 -27.41 9.12 6.63
C ALA A 205 -25.93 8.90 6.89
N VAL A 206 -25.12 9.26 5.89
CA VAL A 206 -23.67 9.12 6.01
C VAL A 206 -23.14 10.15 7.00
N ASN A 207 -21.88 9.99 7.40
CA ASN A 207 -21.30 10.90 8.39
C ASN A 207 -21.16 12.31 7.85
N GLN A 208 -21.01 12.47 6.52
CA GLN A 208 -20.87 13.81 5.96
C GLN A 208 -22.13 14.64 6.15
N ASP A 209 -23.29 13.99 6.16
CA ASP A 209 -24.57 14.68 6.30
C ASP A 209 -25.00 14.83 7.76
N LYS A 210 -24.40 14.08 8.68
CA LYS A 210 -24.72 14.21 10.10
C LYS A 210 -24.23 15.55 10.63
N LYS A 211 -24.84 16.64 10.18
CA LYS A 211 -24.38 17.98 10.52
C LYS A 211 -24.71 18.39 11.95
N ASN A 212 -25.25 17.49 12.76
CA ASN A 212 -25.56 17.77 14.16
C ASN A 212 -24.75 16.90 15.11
N MET A 213 -23.69 16.27 14.62
CA MET A 213 -22.91 15.30 15.38
C MET A 213 -21.46 15.77 15.50
N LEU A 214 -20.81 15.34 16.58
CA LEU A 214 -19.38 15.55 16.80
C LEU A 214 -18.72 14.19 16.87
N PHE A 215 -17.89 13.88 15.87
CA PHE A 215 -17.33 12.55 15.75
C PHE A 215 -16.08 12.40 16.61
N SER A 216 -15.98 11.28 17.31
CA SER A 216 -14.83 11.00 18.17
C SER A 216 -13.56 11.00 17.35
N GLY A 217 -12.64 11.90 17.69
CA GLY A 217 -11.36 12.03 17.01
C GLY A 217 -11.18 13.33 16.26
N THR A 218 -12.28 14.02 15.94
CA THR A 218 -12.20 15.27 15.21
C THR A 218 -11.85 16.42 16.15
N ASN A 219 -11.42 17.53 15.54
CA ASN A 219 -10.97 18.70 16.27
C ASN A 219 -11.93 19.86 16.05
N ILE A 220 -12.27 20.56 17.14
CA ILE A 220 -13.09 21.75 17.05
C ILE A 220 -12.24 22.86 16.44
N ALA A 221 -12.61 23.30 15.23
CA ALA A 221 -11.87 24.36 14.54
C ALA A 221 -12.14 25.72 15.16
N ALA A 222 -13.39 26.01 15.49
CA ALA A 222 -13.78 27.29 16.08
C ALA A 222 -15.16 27.22 16.72
N GLY A 223 -15.29 27.73 17.94
CA GLY A 223 -16.56 27.79 18.63
C GLY A 223 -16.58 26.95 19.90
N LYS A 224 -17.75 26.92 20.52
CA LYS A 224 -17.96 26.18 21.76
C LYS A 224 -19.40 25.69 21.77
N ALA A 225 -19.59 24.42 22.13
CA ALA A 225 -20.90 23.80 22.07
C ALA A 225 -21.08 22.83 23.23
N LEU A 226 -22.34 22.52 23.50
CA LEU A 226 -22.72 21.53 24.48
C LEU A 226 -23.43 20.38 23.78
N GLY A 227 -23.24 19.16 24.30
CA GLY A 227 -23.82 18.01 23.63
C GLY A 227 -23.96 16.83 24.58
N ILE A 228 -24.70 15.84 24.10
CA ILE A 228 -24.95 14.60 24.83
C ILE A 228 -24.26 13.46 24.11
N VAL A 229 -23.61 12.58 24.87
CA VAL A 229 -22.81 11.51 24.29
C VAL A 229 -23.72 10.40 23.79
N ALA A 230 -23.55 10.03 22.52
CA ALA A 230 -24.36 8.97 21.91
C ALA A 230 -23.69 7.61 22.09
N THR A 231 -22.52 7.43 21.46
CA THR A 231 -21.79 6.18 21.52
C THR A 231 -20.37 6.41 22.03
N THR A 232 -19.79 5.35 22.59
CA THR A 232 -18.42 5.37 23.08
C THR A 232 -17.72 4.09 22.63
N GLY A 233 -16.41 4.05 22.83
CA GLY A 233 -15.65 2.83 22.59
C GLY A 233 -15.63 2.43 21.13
N VAL A 234 -15.83 1.13 20.88
CA VAL A 234 -15.84 0.61 19.51
C VAL A 234 -17.15 0.90 18.79
N SER A 235 -18.09 1.59 19.42
CA SER A 235 -19.34 1.96 18.80
C SER A 235 -19.29 3.32 18.12
N THR A 236 -18.23 4.09 18.37
CA THR A 236 -18.04 5.36 17.66
C THR A 236 -17.75 5.09 16.19
N GLU A 237 -17.87 6.15 15.38
CA GLU A 237 -17.58 6.01 13.96
C GLU A 237 -16.11 5.66 13.74
N ILE A 238 -15.22 6.22 14.57
CA ILE A 238 -13.81 5.86 14.49
C ILE A 238 -13.57 4.49 15.08
N GLY A 239 -14.40 4.06 16.03
CA GLY A 239 -14.28 2.73 16.59
C GLY A 239 -14.88 1.65 15.72
N LYS A 240 -15.93 1.98 14.96
CA LYS A 240 -16.47 1.04 14.00
C LYS A 240 -15.47 0.74 12.90
N ILE A 241 -14.60 1.70 12.60
CA ILE A 241 -13.53 1.47 11.64
C ILE A 241 -12.48 0.53 12.23
N ARG A 242 -12.16 0.72 13.50
CA ARG A 242 -11.17 -0.13 14.17
C ARG A 242 -11.59 -1.60 14.14
N ASP A 243 -12.88 -1.87 14.35
CA ASP A 243 -13.35 -3.25 14.31
C ASP A 243 -13.27 -3.85 12.91
N GLN A 244 -13.46 -3.03 11.88
CA GLN A 244 -13.31 -3.52 10.51
C GLN A 244 -11.86 -3.87 10.21
N MET A 245 -10.91 -3.13 10.78
CA MET A 245 -9.49 -3.41 10.54
C MET A 245 -9.01 -4.62 11.32
N ALA A 246 -9.51 -4.78 12.55
CA ALA A 246 -9.14 -5.95 13.34
C ALA A 246 -9.68 -7.22 12.71
N ALA A 247 -10.86 -7.14 12.10
CA ALA A 247 -11.47 -8.33 11.50
C ALA A 247 -10.90 -8.65 10.12
N THR A 248 -10.18 -7.72 9.50
CA THR A 248 -9.58 -7.98 8.20
C THR A 248 -8.36 -8.88 8.35
N GLU A 249 -8.34 -9.96 7.57
CA GLU A 249 -7.24 -10.91 7.58
C GLU A 249 -6.43 -10.77 6.30
N GLN A 250 -5.12 -10.57 6.44
CA GLN A 250 -4.24 -10.39 5.29
C GLN A 250 -3.46 -11.67 5.06
N ASP A 251 -3.58 -12.21 3.84
CA ASP A 251 -2.94 -13.46 3.49
C ASP A 251 -1.44 -13.26 3.27
N LYS A 252 -0.71 -14.37 3.25
CA LYS A 252 0.72 -14.34 2.97
C LYS A 252 0.98 -14.10 1.49
N THR A 253 2.13 -13.50 1.19
CA THR A 253 2.50 -13.23 -0.19
C THR A 253 2.69 -14.55 -0.94
N PRO A 254 2.52 -14.54 -2.27
CA PRO A 254 2.70 -15.80 -3.02
C PRO A 254 4.05 -16.45 -2.79
N LEU A 255 5.12 -15.65 -2.72
CA LEU A 255 6.43 -16.19 -2.41
C LEU A 255 6.47 -16.81 -1.02
N GLN A 256 5.81 -16.16 -0.04
CA GLN A 256 5.74 -16.72 1.29
C GLN A 256 4.94 -18.03 1.31
N GLN A 257 3.87 -18.10 0.51
CA GLN A 257 3.07 -19.31 0.44
C GLN A 257 3.83 -20.44 -0.25
N LYS A 258 4.67 -20.11 -1.22
CA LYS A 258 5.48 -21.12 -1.90
C LYS A 258 6.63 -21.59 -1.02
N LEU A 259 7.23 -20.66 -0.26
CA LEU A 259 8.29 -21.04 0.67
C LEU A 259 7.76 -21.96 1.77
N ASP A 260 6.58 -21.63 2.33
CA ASP A 260 5.95 -22.51 3.29
C ASP A 260 5.62 -23.86 2.66
N GLU A 261 5.18 -23.83 1.41
CA GLU A 261 4.95 -25.07 0.67
C GLU A 261 6.25 -25.85 0.48
N PHE A 262 7.34 -25.14 0.18
CA PHE A 262 8.63 -25.77 -0.03
C PHE A 262 9.08 -26.51 1.22
N GLY A 263 9.01 -25.85 2.37
CA GLY A 263 9.41 -26.49 3.62
C GLY A 263 8.59 -27.73 3.93
N GLU A 264 7.31 -27.71 3.58
CA GLU A 264 6.46 -28.87 3.77
C GLU A 264 7.00 -30.09 3.04
N GLN A 265 7.21 -29.95 1.72
CA GLN A 265 7.70 -31.08 0.95
C GLN A 265 9.15 -31.40 1.27
N LEU A 266 9.96 -30.37 1.53
CA LEU A 266 11.35 -30.61 1.91
C LEU A 266 11.44 -31.44 3.17
N SER A 267 10.57 -31.16 4.15
CA SER A 267 10.54 -31.96 5.36
C SER A 267 10.14 -33.40 5.07
N LYS A 268 9.24 -33.61 4.12
CA LYS A 268 8.84 -34.96 3.76
C LYS A 268 9.98 -35.71 3.08
N VAL A 269 10.68 -35.05 2.15
CA VAL A 269 11.74 -35.72 1.41
C VAL A 269 12.86 -36.17 2.34
N ILE A 270 13.23 -35.32 3.30
CA ILE A 270 14.31 -35.65 4.23
C ILE A 270 14.03 -36.97 4.94
N SER A 271 12.84 -37.08 5.54
CA SER A 271 12.47 -38.33 6.20
C SER A 271 12.43 -39.48 5.21
N LEU A 272 11.90 -39.23 4.01
CA LEU A 272 11.85 -40.27 2.99
C LEU A 272 13.25 -40.74 2.60
N ILE A 273 14.19 -39.81 2.48
CA ILE A 273 15.58 -40.20 2.23
C ILE A 273 16.10 -41.04 3.38
N CYS A 274 15.79 -40.65 4.62
CA CYS A 274 16.20 -41.43 5.78
C CYS A 274 15.64 -42.85 5.71
N VAL A 275 14.40 -42.98 5.23
CA VAL A 275 13.83 -44.30 5.03
C VAL A 275 14.60 -45.05 3.95
N ALA A 276 14.88 -44.37 2.83
CA ALA A 276 15.58 -45.03 1.73
C ALA A 276 16.97 -45.48 2.13
N VAL A 277 17.69 -44.66 2.90
CA VAL A 277 19.02 -45.04 3.37
C VAL A 277 18.92 -46.28 4.26
N TRP A 278 17.91 -46.32 5.13
CA TRP A 278 17.71 -47.50 5.98
C TRP A 278 17.34 -48.72 5.14
N LEU A 279 16.66 -48.53 4.02
CA LEU A 279 16.30 -49.66 3.16
C LEU A 279 17.50 -50.17 2.37
N ILE A 280 18.46 -49.30 2.04
CA ILE A 280 19.64 -49.76 1.31
C ILE A 280 20.54 -50.59 2.22
N ASN A 281 20.65 -50.19 3.48
CA ASN A 281 21.46 -50.92 4.46
C ASN A 281 20.62 -51.85 5.33
N ILE A 282 19.64 -52.52 4.72
CA ILE A 282 18.93 -53.60 5.40
C ILE A 282 19.86 -54.80 5.58
N GLY A 283 20.85 -54.95 4.69
CA GLY A 283 21.76 -56.08 4.75
C GLY A 283 22.51 -56.21 6.06
N HIS A 284 22.57 -55.15 6.87
CA HIS A 284 23.17 -55.26 8.20
C HIS A 284 22.39 -56.22 9.09
N PHE A 285 21.13 -56.49 8.77
CA PHE A 285 20.39 -57.52 9.49
C PHE A 285 20.99 -58.90 9.26
N ASN A 286 21.58 -59.13 8.08
CA ASN A 286 22.24 -60.39 7.78
C ASN A 286 23.68 -60.45 8.28
N ASP A 287 24.14 -59.42 9.04
CA ASP A 287 25.48 -59.40 9.63
C ASP A 287 25.44 -59.95 11.06
N PRO A 288 26.45 -60.71 11.45
CA PRO A 288 26.43 -61.36 12.78
C PRO A 288 26.33 -60.33 13.90
N VAL A 289 25.59 -60.70 14.94
CA VAL A 289 25.46 -59.83 16.11
C VAL A 289 26.81 -59.61 16.76
N HIS A 290 27.61 -60.67 16.86
CA HIS A 290 28.97 -60.55 17.35
C HIS A 290 29.86 -59.95 16.28
N GLY A 291 30.78 -59.09 16.69
CA GLY A 291 31.63 -58.38 15.77
C GLY A 291 31.00 -57.07 15.30
N GLY A 292 31.86 -56.17 14.84
CA GLY A 292 31.42 -54.86 14.41
C GLY A 292 31.04 -53.95 15.56
N SER A 293 31.03 -52.65 15.31
CA SER A 293 30.71 -51.66 16.33
C SER A 293 29.33 -51.09 16.01
N TRP A 294 28.31 -51.56 16.74
CA TRP A 294 27.00 -50.96 16.64
C TRP A 294 27.00 -49.53 17.17
N ILE A 295 27.89 -49.25 18.12
CA ILE A 295 28.04 -47.89 18.62
C ILE A 295 28.60 -46.98 17.52
N ARG A 296 29.49 -47.51 16.68
CA ARG A 296 30.03 -46.73 15.57
C ARG A 296 29.12 -46.75 14.35
N GLY A 297 28.36 -47.83 14.17
CA GLY A 297 27.40 -47.86 13.08
C GLY A 297 26.24 -46.91 13.28
N ALA A 298 25.90 -46.62 14.55
CA ALA A 298 24.76 -45.75 14.83
C ALA A 298 25.14 -44.28 14.70
N ILE A 299 26.32 -43.89 15.16
CA ILE A 299 26.79 -42.52 14.98
C ILE A 299 26.82 -42.17 13.50
N TYR A 300 27.24 -43.13 12.67
CA TYR A 300 27.33 -42.89 11.23
C TYR A 300 25.96 -42.52 10.63
N TYR A 301 24.90 -43.19 11.09
CA TYR A 301 23.56 -42.87 10.56
C TYR A 301 23.05 -41.55 11.11
N PHE A 302 23.38 -41.21 12.35
CA PHE A 302 23.03 -39.91 12.90
C PHE A 302 23.95 -38.81 12.40
N LYS A 303 25.17 -39.15 11.97
CA LYS A 303 26.07 -38.15 11.42
C LYS A 303 25.58 -37.67 10.07
N ILE A 304 25.21 -38.60 9.19
CA ILE A 304 24.69 -38.22 7.88
C ILE A 304 23.30 -37.58 8.00
N ALA A 305 22.58 -37.87 9.08
CA ALA A 305 21.27 -37.23 9.28
C ALA A 305 21.43 -35.72 9.41
N VAL A 306 22.31 -35.29 10.33
CA VAL A 306 22.59 -33.87 10.48
C VAL A 306 23.07 -33.28 9.16
N ALA A 307 23.97 -34.00 8.49
CA ALA A 307 24.48 -33.54 7.19
C ALA A 307 23.36 -33.47 6.16
N LEU A 308 22.41 -34.40 6.22
CA LEU A 308 21.29 -34.38 5.29
C LEU A 308 20.41 -33.15 5.53
N ALA A 309 20.15 -32.83 6.80
CA ALA A 309 19.34 -31.66 7.10
C ALA A 309 20.04 -30.38 6.67
N VAL A 310 21.34 -30.26 6.99
CA VAL A 310 22.09 -29.06 6.62
C VAL A 310 22.20 -28.93 5.11
N ALA A 311 22.31 -30.06 4.39
CA ALA A 311 22.41 -30.00 2.94
C ALA A 311 21.09 -29.63 2.28
N ALA A 312 19.96 -29.79 2.98
CA ALA A 312 18.66 -29.50 2.39
C ALA A 312 18.24 -28.04 2.59
N ILE A 313 18.45 -27.49 3.77
CA ILE A 313 17.96 -26.16 4.13
C ILE A 313 18.77 -25.08 3.43
N PRO A 314 18.12 -24.19 2.61
CA PRO A 314 18.83 -23.01 2.08
C PRO A 314 18.92 -21.92 3.14
N ALA A 315 19.85 -22.12 4.08
CA ALA A 315 19.93 -21.24 5.24
C ALA A 315 20.29 -19.81 4.86
N GLY A 316 20.98 -19.63 3.73
CA GLY A 316 21.30 -18.28 3.29
C GLY A 316 20.19 -17.59 2.53
N LEU A 317 19.21 -18.34 2.04
CA LEU A 317 18.15 -17.76 1.21
C LEU A 317 17.37 -16.66 1.90
N PRO A 318 16.90 -16.81 3.16
CA PRO A 318 16.12 -15.73 3.77
C PRO A 318 16.89 -14.42 3.91
N ALA A 319 18.22 -14.47 3.96
CA ALA A 319 19.01 -13.24 4.02
C ALA A 319 19.16 -12.59 2.66
N VAL A 320 19.23 -13.38 1.58
CA VAL A 320 19.36 -12.79 0.25
C VAL A 320 18.05 -12.14 -0.17
N ILE A 321 16.92 -12.76 0.18
CA ILE A 321 15.62 -12.15 -0.10
C ILE A 321 15.51 -10.80 0.59
N THR A 322 15.85 -10.76 1.88
CA THR A 322 15.79 -9.51 2.62
C THR A 322 16.75 -8.48 2.05
N THR A 323 17.97 -8.90 1.69
CA THR A 323 18.94 -7.98 1.10
C THR A 323 18.42 -7.44 -0.23
N CYS A 324 17.93 -8.34 -1.10
CA CYS A 324 17.41 -7.91 -2.39
C CYS A 324 16.24 -6.96 -2.23
N LEU A 325 15.32 -7.28 -1.31
CA LEU A 325 14.14 -6.45 -1.10
C LEU A 325 14.52 -5.07 -0.59
N ALA A 326 15.35 -5.03 0.46
CA ALA A 326 15.69 -3.75 1.07
C ALA A 326 16.46 -2.85 0.12
N LEU A 327 17.34 -3.44 -0.70
CA LEU A 327 18.05 -2.66 -1.70
C LEU A 327 17.11 -2.19 -2.80
N GLY A 328 16.13 -3.01 -3.15
CA GLY A 328 15.11 -2.58 -4.10
C GLY A 328 14.16 -1.56 -3.51
N THR A 329 13.96 -1.59 -2.19
CA THR A 329 13.09 -0.61 -1.55
C THR A 329 13.72 0.77 -1.55
N ARG A 330 15.02 0.86 -1.24
CA ARG A 330 15.73 2.12 -1.38
C ARG A 330 15.68 2.63 -2.81
N ARG A 331 15.68 1.71 -3.78
CA ARG A 331 15.61 2.10 -5.19
C ARG A 331 14.25 2.69 -5.52
N MET A 332 13.17 2.09 -5.00
CA MET A 332 11.84 2.64 -5.23
C MET A 332 11.65 3.96 -4.48
N ALA A 333 12.36 4.16 -3.37
CA ALA A 333 12.23 5.40 -2.62
C ALA A 333 12.63 6.60 -3.46
N LYS A 334 13.67 6.47 -4.28
CA LYS A 334 14.07 7.56 -5.16
C LYS A 334 13.05 7.81 -6.26
N LYS A 335 12.20 6.83 -6.57
CA LYS A 335 11.12 7.00 -7.54
C LYS A 335 9.79 7.32 -6.86
N ASN A 336 9.84 7.96 -5.68
CA ASN A 336 8.68 8.46 -4.95
C ASN A 336 7.76 7.36 -4.43
N ALA A 337 8.24 6.12 -4.36
CA ALA A 337 7.44 4.98 -3.90
C ALA A 337 8.02 4.49 -2.58
N ILE A 338 7.36 4.85 -1.48
CA ILE A 338 7.79 4.48 -0.14
C ILE A 338 7.13 3.13 0.20
N VAL A 339 7.88 2.05 0.03
CA VAL A 339 7.39 0.72 0.35
C VAL A 339 7.60 0.46 1.84
N ARG A 340 6.50 0.24 2.57
CA ARG A 340 6.57 0.05 4.01
C ARG A 340 6.73 -1.41 4.41
N SER A 341 6.40 -2.35 3.53
CA SER A 341 6.51 -3.78 3.84
C SER A 341 7.36 -4.44 2.77
N LEU A 342 8.47 -5.07 3.19
CA LEU A 342 9.38 -5.69 2.24
C LEU A 342 8.72 -6.74 1.36
N PRO A 343 7.96 -7.71 1.89
CA PRO A 343 7.38 -8.74 1.01
C PRO A 343 6.37 -8.19 0.01
N SER A 344 5.88 -6.97 0.19
CA SER A 344 4.91 -6.39 -0.72
C SER A 344 5.50 -6.13 -2.10
N VAL A 345 6.82 -6.04 -2.23
CA VAL A 345 7.45 -5.76 -3.51
C VAL A 345 7.04 -6.81 -4.54
N GLU A 346 7.04 -8.09 -4.15
CA GLU A 346 6.54 -9.13 -5.04
C GLU A 346 5.07 -8.91 -5.35
N THR A 347 4.25 -8.73 -4.30
CA THR A 347 2.82 -8.50 -4.48
C THR A 347 2.57 -7.30 -5.39
N LEU A 348 3.41 -6.27 -5.28
CA LEU A 348 3.27 -5.11 -6.15
C LEU A 348 3.51 -5.46 -7.61
N GLY A 349 4.37 -6.45 -7.87
CA GLY A 349 4.63 -6.84 -9.25
C GLY A 349 3.52 -7.65 -9.87
N CYS A 350 2.79 -8.41 -9.06
CA CYS A 350 1.66 -9.20 -9.53
C CYS A 350 0.37 -8.41 -9.59
N THR A 351 0.45 -7.07 -9.47
CA THR A 351 -0.74 -6.24 -9.48
C THR A 351 -1.48 -6.39 -10.81
N SER A 352 -2.78 -6.66 -10.73
CA SER A 352 -3.63 -6.78 -11.90
C SER A 352 -4.69 -5.70 -12.00
N VAL A 353 -5.11 -5.12 -10.88
CA VAL A 353 -6.13 -4.09 -10.85
C VAL A 353 -5.68 -2.97 -9.93
N ILE A 354 -5.68 -1.74 -10.43
CA ILE A 354 -5.35 -0.55 -9.64
C ILE A 354 -6.60 0.31 -9.57
N CYS A 355 -7.05 0.60 -8.35
CA CYS A 355 -8.17 1.50 -8.10
C CYS A 355 -7.63 2.78 -7.49
N SER A 356 -7.63 3.85 -8.28
CA SER A 356 -7.03 5.11 -7.88
C SER A 356 -8.08 6.21 -7.83
N ASP A 357 -8.01 7.02 -6.78
CA ASP A 357 -8.79 8.25 -6.72
C ASP A 357 -8.35 9.19 -7.85
N LYS A 358 -9.28 10.02 -8.30
CA LYS A 358 -8.98 10.94 -9.40
C LYS A 358 -8.24 12.17 -8.90
N THR A 359 -8.83 12.90 -7.95
CA THR A 359 -8.31 14.18 -7.55
C THR A 359 -7.03 14.03 -6.73
N GLY A 360 -6.01 14.81 -7.09
CA GLY A 360 -4.73 14.76 -6.41
C GLY A 360 -3.81 13.66 -6.87
N THR A 361 -4.36 12.57 -7.42
CA THR A 361 -3.58 11.44 -7.90
C THR A 361 -3.59 11.36 -9.42
N LEU A 362 -4.76 11.13 -10.02
CA LEU A 362 -4.85 11.20 -11.47
C LEU A 362 -4.78 12.63 -11.98
N THR A 363 -5.23 13.59 -11.16
CA THR A 363 -5.18 15.01 -11.50
C THR A 363 -4.27 15.74 -10.51
N THR A 364 -4.02 17.02 -10.81
CA THR A 364 -3.10 17.82 -10.02
C THR A 364 -3.78 18.58 -8.88
N ASN A 365 -5.13 18.59 -8.84
CA ASN A 365 -5.88 19.36 -7.85
C ASN A 365 -5.56 20.85 -7.95
N GLN A 366 -5.20 21.30 -9.14
CA GLN A 366 -4.90 22.70 -9.41
C GLN A 366 -6.02 23.26 -10.29
N MET A 367 -7.07 23.75 -9.64
CA MET A 367 -8.25 24.23 -10.33
C MET A 367 -7.93 25.48 -11.15
N SER A 368 -8.75 25.71 -12.18
CA SER A 368 -8.58 26.85 -13.07
C SER A 368 -9.81 27.03 -13.94
N VAL A 369 -10.45 28.21 -13.86
CA VAL A 369 -11.64 28.47 -14.66
C VAL A 369 -11.24 28.66 -16.12
N CYS A 370 -11.78 27.82 -16.99
CA CYS A 370 -11.44 27.84 -18.42
C CYS A 370 -12.49 28.57 -19.25
N LYS A 371 -13.77 28.25 -19.05
CA LYS A 371 -14.85 28.84 -19.83
C LYS A 371 -15.91 29.41 -18.91
N MET A 372 -16.71 30.33 -19.46
CA MET A 372 -17.84 30.90 -18.76
C MET A 372 -18.77 31.52 -19.80
N PHE A 373 -20.07 31.48 -19.51
CA PHE A 373 -21.04 32.04 -20.45
C PHE A 373 -22.17 32.71 -19.69
N ILE A 374 -22.66 33.82 -20.25
CA ILE A 374 -23.82 34.54 -19.74
C ILE A 374 -24.86 34.61 -20.85
N ILE A 375 -25.95 35.33 -20.60
CA ILE A 375 -27.05 35.45 -21.55
C ILE A 375 -26.85 36.72 -22.36
N ASP A 376 -26.77 36.57 -23.69
CA ASP A 376 -26.59 37.73 -24.56
C ASP A 376 -27.91 38.46 -24.79
N LYS A 377 -28.97 37.72 -25.12
CA LYS A 377 -30.29 38.29 -25.30
C LYS A 377 -31.31 37.15 -25.38
N VAL A 378 -32.55 37.46 -25.01
CA VAL A 378 -33.67 36.54 -25.11
C VAL A 378 -34.82 37.27 -25.76
N ASP A 379 -35.26 36.80 -26.92
CA ASP A 379 -36.34 37.43 -27.69
C ASP A 379 -37.33 36.33 -28.10
N GLY A 380 -38.05 35.79 -27.13
CA GLY A 380 -39.00 34.73 -27.38
C GLY A 380 -38.37 33.37 -27.54
N ASP A 381 -38.48 32.80 -28.74
CA ASP A 381 -37.82 31.52 -29.00
C ASP A 381 -36.35 31.70 -29.33
N PHE A 382 -35.99 32.83 -29.95
CA PHE A 382 -34.59 33.15 -30.18
C PHE A 382 -33.83 33.17 -28.85
N CYS A 383 -32.59 32.69 -28.87
CA CYS A 383 -31.80 32.64 -27.65
C CYS A 383 -30.34 32.54 -28.02
N SER A 384 -29.52 33.45 -27.48
CA SER A 384 -28.09 33.49 -27.74
C SER A 384 -27.36 33.59 -26.40
N LEU A 385 -26.12 33.11 -26.40
CA LEU A 385 -25.26 33.15 -25.23
C LEU A 385 -23.95 33.81 -25.58
N ASN A 386 -23.27 34.34 -24.56
CA ASN A 386 -21.95 34.95 -24.71
C ASN A 386 -20.94 34.05 -24.01
N GLU A 387 -20.36 33.11 -24.76
CA GLU A 387 -19.38 32.18 -24.22
C GLU A 387 -18.00 32.80 -24.29
N PHE A 388 -17.26 32.72 -23.17
CA PHE A 388 -15.92 33.28 -23.08
C PHE A 388 -14.94 32.18 -22.68
N SER A 389 -13.66 32.54 -22.72
CA SER A 389 -12.57 31.63 -22.41
C SER A 389 -11.48 32.38 -21.67
N ILE A 390 -10.92 31.74 -20.65
CA ILE A 390 -9.94 32.36 -19.76
C ILE A 390 -8.64 31.57 -19.85
N THR A 391 -7.53 32.29 -19.91
CA THR A 391 -6.20 31.69 -20.04
C THR A 391 -5.48 31.65 -18.69
N GLY A 392 -4.45 30.82 -18.63
CA GLY A 392 -3.67 30.66 -17.42
C GLY A 392 -4.18 29.55 -16.53
N SER A 393 -3.41 28.48 -16.38
CA SER A 393 -3.82 27.31 -15.61
C SER A 393 -3.43 27.42 -14.14
N THR A 394 -2.74 28.47 -13.74
CA THR A 394 -2.29 28.63 -12.37
C THR A 394 -3.30 29.45 -11.57
N TYR A 395 -3.11 29.45 -10.25
CA TYR A 395 -3.86 30.35 -9.38
C TYR A 395 -3.42 31.80 -9.53
N ALA A 396 -2.32 32.04 -10.25
CA ALA A 396 -1.83 33.41 -10.42
C ALA A 396 -2.82 34.23 -11.23
N PRO A 397 -3.03 35.50 -10.88
CA PRO A 397 -3.99 36.34 -11.62
C PRO A 397 -3.47 36.80 -12.98
N GLU A 398 -2.81 35.91 -13.71
CA GLU A 398 -2.20 36.23 -14.99
C GLU A 398 -3.01 35.59 -16.10
N GLY A 399 -3.51 36.41 -17.01
CA GLY A 399 -4.31 35.93 -18.12
C GLY A 399 -5.39 36.92 -18.48
N GLU A 400 -5.99 36.70 -19.65
CA GLU A 400 -7.06 37.55 -20.14
C GLU A 400 -8.24 36.70 -20.61
N VAL A 401 -9.40 37.33 -20.67
CA VAL A 401 -10.64 36.68 -21.12
C VAL A 401 -10.75 36.83 -22.63
N LEU A 402 -11.17 35.75 -23.30
CA LEU A 402 -11.27 35.71 -24.74
C LEU A 402 -12.69 35.37 -25.16
N LYS A 403 -13.18 36.07 -26.19
CA LYS A 403 -14.43 35.71 -26.85
C LYS A 403 -14.13 35.42 -28.31
N ASN A 404 -14.35 34.17 -28.72
CA ASN A 404 -13.96 33.71 -30.05
C ASN A 404 -12.47 33.97 -30.29
N ASP A 405 -11.65 33.53 -29.33
CA ASP A 405 -10.19 33.66 -29.38
C ASP A 405 -9.72 35.11 -29.48
N LYS A 406 -10.52 36.05 -28.95
CA LYS A 406 -10.20 37.46 -29.04
C LYS A 406 -10.25 38.09 -27.64
N PRO A 407 -9.17 38.74 -27.20
CA PRO A 407 -9.17 39.36 -25.87
C PRO A 407 -10.22 40.46 -25.77
N ILE A 408 -11.08 40.35 -24.75
CA ILE A 408 -12.15 41.30 -24.53
C ILE A 408 -11.97 41.90 -23.14
N ARG A 409 -12.57 43.07 -22.95
CA ARG A 409 -12.63 43.73 -21.65
C ARG A 409 -13.86 43.22 -20.92
N SER A 410 -13.67 42.61 -19.76
CA SER A 410 -14.79 42.05 -19.00
C SER A 410 -15.73 43.12 -18.49
N GLY A 411 -15.26 44.36 -18.33
CA GLY A 411 -16.12 45.42 -17.84
C GLY A 411 -17.12 45.94 -18.84
N GLN A 412 -17.03 45.53 -20.10
CA GLN A 412 -17.96 45.95 -21.13
C GLN A 412 -19.19 45.03 -21.22
N PHE A 413 -19.30 44.04 -20.35
CA PHE A 413 -20.44 43.13 -20.33
C PHE A 413 -21.07 43.20 -18.95
N ASP A 414 -22.27 43.79 -18.86
CA ASP A 414 -22.94 43.92 -17.57
C ASP A 414 -23.20 42.57 -16.92
N GLY A 415 -23.34 41.52 -17.73
CA GLY A 415 -23.51 40.19 -17.17
C GLY A 415 -22.24 39.68 -16.51
N LEU A 416 -21.08 39.96 -17.11
CA LEU A 416 -19.83 39.52 -16.51
C LEU A 416 -19.50 40.30 -15.26
N VAL A 417 -19.99 41.54 -15.14
CA VAL A 417 -19.80 42.30 -13.91
C VAL A 417 -20.47 41.58 -12.74
N GLU A 418 -21.74 41.20 -12.92
CA GLU A 418 -22.45 40.46 -11.89
C GLU A 418 -21.88 39.06 -11.72
N LEU A 419 -21.37 38.46 -12.81
CA LEU A 419 -20.71 37.17 -12.72
C LEU A 419 -19.53 37.24 -11.73
N ALA A 420 -18.72 38.28 -11.85
CA ALA A 420 -17.55 38.42 -10.97
C ALA A 420 -17.97 38.76 -9.54
N THR A 421 -19.01 39.57 -9.39
CA THR A 421 -19.48 39.92 -8.05
C THR A 421 -19.89 38.67 -7.28
N ILE A 422 -20.53 37.72 -7.96
CA ILE A 422 -20.91 36.47 -7.30
C ILE A 422 -19.68 35.70 -6.87
N CYS A 423 -18.71 35.54 -7.78
CA CYS A 423 -17.54 34.71 -7.48
C CYS A 423 -16.72 35.29 -6.35
N ALA A 424 -16.69 36.61 -6.19
CA ALA A 424 -15.82 37.22 -5.20
C ALA A 424 -16.48 37.24 -3.82
N LEU A 425 -17.80 37.46 -3.77
CA LEU A 425 -18.51 37.56 -2.50
C LEU A 425 -19.00 36.20 -2.01
N CYS A 426 -19.61 35.40 -2.89
CA CYS A 426 -20.05 34.06 -2.54
C CYS A 426 -18.84 33.13 -2.56
N ASN A 427 -17.94 33.36 -1.60
CA ASN A 427 -16.65 32.69 -1.58
C ASN A 427 -16.03 32.87 -0.21
N ASP A 428 -15.47 31.78 0.32
CA ASP A 428 -14.77 31.80 1.61
C ASP A 428 -13.28 31.59 1.46
N SER A 429 -12.74 31.69 0.25
CA SER A 429 -11.33 31.47 -0.03
C SER A 429 -10.70 32.74 -0.56
N SER A 430 -9.36 32.76 -0.58
CA SER A 430 -8.63 33.93 -1.04
C SER A 430 -7.29 33.47 -1.60
N LEU A 431 -6.44 34.44 -1.94
CA LEU A 431 -5.12 34.19 -2.49
C LEU A 431 -4.05 34.77 -1.57
N ASP A 432 -2.80 34.35 -1.80
CA ASP A 432 -1.68 34.81 -0.99
C ASP A 432 -0.40 34.58 -1.78
N PHE A 433 0.28 35.65 -2.17
CA PHE A 433 1.53 35.55 -2.91
C PHE A 433 2.64 35.13 -1.96
N ASN A 434 3.15 33.92 -2.15
CA ASN A 434 4.23 33.42 -1.30
C ASN A 434 5.55 34.03 -1.73
N GLU A 435 6.27 34.62 -0.76
CA GLU A 435 7.57 35.19 -1.04
C GLU A 435 8.69 34.18 -0.90
N THR A 436 8.49 33.13 -0.09
CA THR A 436 9.50 32.09 0.02
C THR A 436 9.59 31.27 -1.26
N LYS A 437 8.44 30.81 -1.77
CA LYS A 437 8.43 30.02 -3.00
C LYS A 437 8.54 30.91 -4.23
N GLY A 438 7.82 32.03 -4.25
CA GLY A 438 7.75 32.88 -5.42
C GLY A 438 6.54 32.66 -6.29
N VAL A 439 5.52 31.96 -5.80
CA VAL A 439 4.33 31.64 -6.58
C VAL A 439 3.09 32.05 -5.81
N TYR A 440 1.96 32.08 -6.54
CA TYR A 440 0.67 32.39 -5.94
C TYR A 440 0.05 31.10 -5.40
N GLU A 441 -0.14 31.04 -4.09
CA GLU A 441 -0.72 29.87 -3.44
C GLU A 441 -2.17 30.15 -3.05
N LYS A 442 -2.93 29.06 -2.89
CA LYS A 442 -4.35 29.15 -2.57
C LYS A 442 -4.56 29.16 -1.07
N VAL A 443 -5.70 29.73 -0.65
CA VAL A 443 -6.07 29.81 0.76
C VAL A 443 -7.51 29.30 0.86
N GLY A 444 -7.65 28.00 1.11
CA GLY A 444 -8.97 27.40 1.22
C GLY A 444 -9.21 26.26 0.26
N GLU A 445 -10.43 26.14 -0.26
CA GLU A 445 -10.72 25.10 -1.24
C GLU A 445 -10.09 25.46 -2.59
N ALA A 446 -9.87 24.43 -3.41
CA ALA A 446 -9.33 24.65 -4.74
C ALA A 446 -10.40 25.19 -5.69
N THR A 447 -11.66 24.77 -5.52
CA THR A 447 -12.73 25.24 -6.39
C THR A 447 -12.97 26.73 -6.21
N GLU A 448 -13.17 27.17 -4.96
CA GLU A 448 -13.51 28.57 -4.71
C GLU A 448 -12.32 29.49 -5.01
N THR A 449 -11.09 28.98 -4.91
CA THR A 449 -9.93 29.82 -5.22
C THR A 449 -9.80 30.07 -6.72
N ALA A 450 -10.17 29.08 -7.55
CA ALA A 450 -10.19 29.29 -8.99
C ALA A 450 -11.14 30.43 -9.36
N LEU A 451 -12.21 30.61 -8.59
CA LEU A 451 -13.10 31.74 -8.79
C LEU A 451 -12.45 33.04 -8.35
N THR A 452 -11.63 32.99 -7.30
CA THR A 452 -10.90 34.19 -6.87
C THR A 452 -9.90 34.61 -7.93
N THR A 453 -9.16 33.65 -8.50
CA THR A 453 -8.25 33.97 -9.60
C THR A 453 -9.00 34.52 -10.80
N LEU A 454 -10.22 34.03 -11.03
CA LEU A 454 -10.99 34.43 -12.20
C LEU A 454 -11.37 35.91 -12.15
N VAL A 455 -11.87 36.39 -10.99
CA VAL A 455 -12.27 37.78 -10.89
C VAL A 455 -11.06 38.71 -10.95
N GLU A 456 -9.87 38.22 -10.64
CA GLU A 456 -8.66 39.03 -10.78
C GLU A 456 -8.25 39.17 -12.24
N LYS A 457 -8.48 38.13 -13.05
CA LYS A 457 -8.16 38.21 -14.47
C LYS A 457 -9.20 39.03 -15.23
N MET A 458 -10.47 38.92 -14.84
CA MET A 458 -11.54 39.64 -15.52
C MET A 458 -11.43 41.14 -15.30
N ASN A 459 -11.42 41.56 -14.03
CA ASN A 459 -11.32 42.96 -13.64
C ASN A 459 -12.43 43.79 -14.31
N VAL A 460 -13.66 43.55 -13.82
CA VAL A 460 -14.83 44.19 -14.41
C VAL A 460 -14.91 45.68 -14.13
N PHE A 461 -14.03 46.21 -13.27
CA PHE A 461 -14.01 47.62 -12.93
C PHE A 461 -12.78 48.35 -13.44
N ASN A 462 -11.87 47.63 -14.12
CA ASN A 462 -10.65 48.22 -14.69
C ASN A 462 -9.81 48.93 -13.62
N THR A 463 -9.73 48.30 -12.45
CA THR A 463 -8.94 48.87 -11.36
C THR A 463 -7.45 48.83 -11.71
N GLU A 464 -6.75 49.90 -11.38
CA GLU A 464 -5.31 49.99 -11.64
C GLU A 464 -4.56 48.90 -10.88
N VAL A 465 -4.35 47.76 -11.53
CA VAL A 465 -3.64 46.65 -10.91
C VAL A 465 -2.19 46.57 -11.33
N ARG A 466 -1.80 47.20 -12.45
CA ARG A 466 -0.42 47.20 -12.87
C ARG A 466 0.46 48.13 -12.04
N ASN A 467 -0.13 48.99 -11.22
CA ASN A 467 0.62 49.85 -10.33
C ASN A 467 0.84 49.24 -8.95
N LEU A 468 -0.02 48.33 -8.53
CA LEU A 468 0.10 47.70 -7.23
C LEU A 468 1.29 46.73 -7.23
N SER A 469 1.71 46.35 -6.02
CA SER A 469 2.82 45.41 -5.85
C SER A 469 2.39 43.99 -6.17
N LYS A 470 3.21 43.01 -5.77
CA LYS A 470 2.92 41.62 -6.04
C LYS A 470 2.01 41.00 -4.99
N VAL A 471 2.28 41.27 -3.70
CA VAL A 471 1.45 40.72 -2.64
C VAL A 471 0.06 41.33 -2.67
N GLU A 472 -0.04 42.62 -3.02
CA GLU A 472 -1.33 43.28 -3.16
C GLU A 472 -2.04 42.93 -4.46
N ARG A 473 -1.33 42.35 -5.43
CA ARG A 473 -1.94 41.93 -6.68
C ARG A 473 -2.84 40.71 -6.50
N ALA A 474 -2.63 39.94 -5.43
CA ALA A 474 -3.38 38.69 -5.25
C ALA A 474 -4.86 38.96 -5.07
N ASN A 475 -5.23 39.87 -4.16
CA ASN A 475 -6.62 40.13 -3.86
C ASN A 475 -7.01 41.55 -4.26
N ALA A 476 -6.68 41.94 -5.49
CA ALA A 476 -6.96 43.31 -5.94
C ALA A 476 -8.43 43.49 -6.29
N CYS A 477 -8.88 42.86 -7.37
CA CYS A 477 -10.26 43.05 -7.82
C CYS A 477 -11.26 42.48 -6.83
N ASN A 478 -10.85 41.48 -6.04
CA ASN A 478 -11.72 40.96 -4.99
C ASN A 478 -12.02 42.04 -3.95
N SER A 479 -10.99 42.74 -3.50
CA SER A 479 -11.18 43.78 -2.50
C SER A 479 -12.09 44.89 -3.02
N VAL A 480 -11.99 45.20 -4.32
CA VAL A 480 -12.83 46.23 -4.91
C VAL A 480 -14.30 45.84 -4.83
N ILE A 481 -14.59 44.54 -5.03
CA ILE A 481 -15.97 44.08 -4.96
C ILE A 481 -16.43 43.96 -3.51
N ARG A 482 -15.52 43.68 -2.58
CA ARG A 482 -15.91 43.57 -1.17
C ARG A 482 -16.33 44.93 -0.61
N GLN A 483 -15.68 46.00 -1.05
CA GLN A 483 -16.05 47.34 -0.58
C GLN A 483 -17.43 47.75 -1.07
N LEU A 484 -17.95 47.11 -2.11
CA LEU A 484 -19.28 47.44 -2.63
C LEU A 484 -20.38 46.88 -1.74
N MET A 485 -20.58 45.56 -1.78
CA MET A 485 -21.61 44.92 -0.99
C MET A 485 -21.06 44.46 0.35
N LYS A 486 -21.88 44.55 1.39
CA LYS A 486 -21.50 44.17 2.74
C LYS A 486 -22.10 42.79 3.03
N LYS A 487 -21.23 41.80 3.20
CA LYS A 487 -21.68 40.43 3.43
C LYS A 487 -22.32 40.32 4.82
N GLU A 488 -23.64 40.22 4.86
CA GLU A 488 -24.36 40.06 6.12
C GLU A 488 -24.09 38.68 6.73
N PHE A 489 -24.42 37.63 5.99
CA PHE A 489 -24.18 36.27 6.44
C PHE A 489 -24.09 35.35 5.22
N THR A 490 -23.58 34.14 5.45
CA THR A 490 -23.39 33.15 4.41
C THR A 490 -24.21 31.90 4.73
N LEU A 491 -24.97 31.42 3.77
CA LEU A 491 -25.68 30.15 3.89
C LEU A 491 -24.74 29.04 3.41
N GLU A 492 -24.27 28.22 4.35
CA GLU A 492 -23.22 27.24 4.05
C GLU A 492 -23.70 26.23 3.01
N PHE A 493 -22.73 25.57 2.38
CA PHE A 493 -23.03 24.54 1.41
C PHE A 493 -23.61 23.32 2.11
N SER A 494 -24.48 22.60 1.40
CA SER A 494 -25.05 21.36 1.89
C SER A 494 -25.38 20.48 0.70
N ARG A 495 -25.08 19.18 0.82
CA ARG A 495 -25.27 18.27 -0.29
C ARG A 495 -26.73 18.07 -0.67
N ASP A 496 -27.67 18.50 0.18
CA ASP A 496 -29.07 18.30 -0.12
C ASP A 496 -29.54 19.19 -1.27
N ARG A 497 -29.08 20.45 -1.29
CA ARG A 497 -29.44 21.38 -2.35
C ARG A 497 -28.29 21.70 -3.29
N LYS A 498 -27.06 21.30 -2.94
CA LYS A 498 -25.87 21.49 -3.77
C LYS A 498 -25.71 22.94 -4.21
N SER A 499 -25.63 23.82 -3.22
CA SER A 499 -25.47 25.25 -3.47
C SER A 499 -25.19 25.95 -2.15
N MET A 500 -24.59 27.15 -2.25
CA MET A 500 -24.40 28.03 -1.12
C MET A 500 -24.73 29.45 -1.57
N SER A 501 -24.94 30.33 -0.59
CA SER A 501 -25.35 31.69 -0.90
C SER A 501 -24.86 32.63 0.21
N VAL A 502 -24.87 33.93 -0.12
CA VAL A 502 -24.46 34.98 0.80
C VAL A 502 -25.46 36.12 0.72
N TYR A 503 -25.84 36.64 1.89
CA TYR A 503 -26.74 37.78 1.99
C TYR A 503 -25.90 39.05 2.04
N CYS A 504 -26.13 39.96 1.09
CA CYS A 504 -25.34 41.18 0.99
C CYS A 504 -26.25 42.40 0.94
N SER A 505 -25.83 43.47 1.60
CA SER A 505 -26.47 44.76 1.57
C SER A 505 -25.48 45.81 1.07
N PRO A 506 -25.95 46.83 0.34
CA PRO A 506 -25.03 47.84 -0.18
C PRO A 506 -24.31 48.58 0.94
N ALA A 507 -23.18 49.21 0.59
CA ALA A 507 -22.34 49.89 1.56
C ALA A 507 -23.01 51.16 2.07
N LYS A 508 -23.17 52.17 1.22
CA LYS A 508 -23.81 53.42 1.61
C LYS A 508 -25.31 53.22 1.80
N SER A 509 -25.71 52.82 3.02
CA SER A 509 -27.10 52.58 3.33
C SER A 509 -27.31 52.51 4.85
N SER A 510 -27.39 53.67 5.49
CA SER A 510 -27.53 53.73 6.95
C SER A 510 -28.98 53.73 7.41
N ARG A 511 -29.87 54.38 6.66
CA ARG A 511 -31.29 54.48 7.00
C ARG A 511 -32.13 53.96 5.83
N ALA A 512 -32.03 52.66 5.58
CA ALA A 512 -32.77 52.04 4.49
C ALA A 512 -32.94 50.55 4.78
N ALA A 513 -34.00 49.97 4.22
CA ALA A 513 -34.29 48.55 4.37
C ALA A 513 -34.56 47.86 3.04
N VAL A 514 -34.35 48.54 1.92
CA VAL A 514 -34.61 48.01 0.59
C VAL A 514 -33.34 48.11 -0.24
N GLY A 515 -32.84 46.98 -0.72
CA GLY A 515 -31.67 46.97 -1.56
C GLY A 515 -30.78 45.74 -1.38
N ASN A 516 -31.18 44.85 -0.48
CA ASN A 516 -30.38 43.66 -0.20
C ASN A 516 -30.42 42.70 -1.39
N LYS A 517 -29.43 41.82 -1.44
CA LYS A 517 -29.29 40.84 -2.52
C LYS A 517 -28.73 39.55 -1.95
N MET A 518 -29.02 38.45 -2.63
CA MET A 518 -28.46 37.14 -2.31
C MET A 518 -27.76 36.58 -3.54
N PHE A 519 -26.52 36.13 -3.37
CA PHE A 519 -25.71 35.61 -4.46
C PHE A 519 -25.53 34.11 -4.26
N VAL A 520 -26.12 33.33 -5.17
CA VAL A 520 -26.16 31.88 -5.03
C VAL A 520 -25.17 31.25 -6.00
N LYS A 521 -24.45 30.23 -5.51
CA LYS A 521 -23.49 29.48 -6.30
C LYS A 521 -23.65 28.01 -5.95
N GLY A 522 -23.79 27.16 -6.97
CA GLY A 522 -23.96 25.74 -6.72
C GLY A 522 -23.99 24.94 -8.00
N ALA A 523 -24.47 23.71 -7.86
CA ALA A 523 -24.54 22.79 -9.00
C ALA A 523 -25.54 23.31 -10.04
N PRO A 524 -25.26 23.07 -11.32
CA PRO A 524 -26.13 23.66 -12.38
C PRO A 524 -27.57 23.21 -12.32
N GLU A 525 -27.81 21.89 -12.23
CA GLU A 525 -29.18 21.40 -12.23
C GLU A 525 -29.99 21.94 -11.05
N GLY A 526 -29.39 21.96 -9.86
CA GLY A 526 -30.12 22.39 -8.69
C GLY A 526 -30.44 23.88 -8.70
N VAL A 527 -29.49 24.70 -9.16
CA VAL A 527 -29.67 26.15 -9.11
C VAL A 527 -30.63 26.61 -10.20
N ILE A 528 -30.47 26.08 -11.43
CA ILE A 528 -31.29 26.54 -12.55
C ILE A 528 -32.77 26.23 -12.32
N ASP A 529 -33.07 25.11 -11.66
CA ASP A 529 -34.46 24.74 -11.41
C ASP A 529 -35.14 25.74 -10.48
N ARG A 530 -34.38 26.37 -9.58
CA ARG A 530 -34.95 27.40 -8.70
C ARG A 530 -35.01 28.77 -9.35
N CYS A 531 -34.48 28.91 -10.57
CA CYS A 531 -34.48 30.20 -11.26
C CYS A 531 -35.78 30.39 -12.02
N ASN A 532 -36.52 31.42 -11.67
CA ASN A 532 -37.71 31.84 -12.40
C ASN A 532 -37.44 33.03 -13.31
N TYR A 533 -36.21 33.55 -13.31
CA TYR A 533 -35.86 34.71 -14.11
C TYR A 533 -34.47 34.50 -14.72
N VAL A 534 -34.18 35.31 -15.73
CA VAL A 534 -32.91 35.24 -16.46
C VAL A 534 -32.38 36.66 -16.61
N ARG A 535 -31.19 36.91 -16.07
CA ARG A 535 -30.57 38.23 -16.21
C ARG A 535 -29.91 38.34 -17.57
N VAL A 536 -30.12 39.47 -18.24
CA VAL A 536 -29.51 39.78 -19.53
C VAL A 536 -28.87 41.16 -19.39
N GLY A 537 -27.56 41.19 -19.17
CA GLY A 537 -26.88 42.45 -18.91
C GLY A 537 -27.37 43.09 -17.63
N THR A 538 -28.29 44.04 -17.75
CA THR A 538 -28.93 44.65 -16.59
C THR A 538 -30.40 44.34 -16.47
N THR A 539 -31.06 43.95 -17.56
CA THR A 539 -32.50 43.71 -17.56
C THR A 539 -32.78 42.31 -17.00
N ARG A 540 -34.04 41.88 -17.12
CA ARG A 540 -34.46 40.59 -16.59
C ARG A 540 -35.68 40.12 -17.35
N VAL A 541 -35.71 38.84 -17.68
CA VAL A 541 -36.84 38.22 -18.39
C VAL A 541 -37.16 36.89 -17.74
N PRO A 542 -38.42 36.45 -17.85
CA PRO A 542 -38.84 35.23 -17.17
C PRO A 542 -38.23 33.98 -17.81
N MET A 543 -37.81 33.06 -16.95
CA MET A 543 -37.19 31.81 -17.39
C MET A 543 -38.22 30.92 -18.08
N THR A 544 -37.98 30.64 -19.35
CA THR A 544 -38.90 29.82 -20.15
C THR A 544 -38.31 28.43 -20.34
N GLY A 545 -38.81 27.70 -21.33
CA GLY A 545 -38.38 26.35 -21.61
C GLY A 545 -37.20 26.27 -22.55
N PRO A 546 -37.37 26.75 -23.80
CA PRO A 546 -36.26 26.70 -24.77
C PRO A 546 -34.98 27.36 -24.25
N VAL A 547 -35.12 28.46 -23.51
CA VAL A 547 -33.94 29.12 -22.96
C VAL A 547 -33.27 28.24 -21.92
N LYS A 548 -34.06 27.61 -21.04
CA LYS A 548 -33.50 26.76 -20.00
C LYS A 548 -32.82 25.53 -20.59
N GLU A 549 -33.35 24.99 -21.68
CA GLU A 549 -32.70 23.85 -22.34
C GLU A 549 -31.40 24.25 -23.00
N LYS A 550 -31.32 25.48 -23.52
CA LYS A 550 -30.08 25.96 -24.11
C LYS A 550 -28.98 26.05 -23.05
N ILE A 551 -29.34 26.43 -21.83
CA ILE A 551 -28.36 26.54 -20.76
C ILE A 551 -27.83 25.17 -20.38
N LEU A 552 -28.74 24.22 -20.12
CA LEU A 552 -28.31 22.89 -19.69
C LEU A 552 -27.50 22.18 -20.77
N SER A 553 -27.84 22.39 -22.04
CA SER A 553 -27.14 21.72 -23.12
C SER A 553 -25.67 22.11 -23.15
N VAL A 554 -25.37 23.40 -22.99
CA VAL A 554 -23.99 23.85 -22.94
C VAL A 554 -23.28 23.28 -21.73
N ILE A 555 -23.97 23.25 -20.57
CA ILE A 555 -23.39 22.64 -19.38
C ILE A 555 -23.14 21.16 -19.61
N LYS A 556 -23.96 20.52 -20.43
CA LYS A 556 -23.72 19.13 -20.80
C LYS A 556 -22.52 18.99 -21.72
N GLU A 557 -22.40 19.88 -22.71
CA GLU A 557 -21.26 19.82 -23.63
C GLU A 557 -19.95 20.09 -22.90
N TRP A 558 -19.97 21.00 -21.93
CA TRP A 558 -18.75 21.37 -21.23
C TRP A 558 -18.29 20.30 -20.25
N GLY A 559 -19.23 19.56 -19.65
CA GLY A 559 -18.88 18.57 -18.65
C GLY A 559 -18.66 17.18 -19.20
N THR A 560 -19.28 16.89 -20.35
CA THR A 560 -19.15 15.59 -21.00
C THR A 560 -18.21 15.62 -22.20
N GLY A 561 -17.96 16.80 -22.78
CA GLY A 561 -17.10 16.90 -23.93
C GLY A 561 -15.63 16.70 -23.57
N ARG A 562 -14.78 16.95 -24.56
CA ARG A 562 -13.34 16.80 -24.40
C ARG A 562 -12.73 17.85 -23.47
N ASP A 563 -13.53 18.78 -22.97
CA ASP A 563 -13.04 19.77 -22.00
C ASP A 563 -13.01 19.20 -20.60
N THR A 564 -14.00 18.39 -20.23
CA THR A 564 -14.13 17.79 -18.91
C THR A 564 -14.08 18.86 -17.82
N LEU A 565 -15.08 19.75 -17.87
CA LEU A 565 -15.15 20.89 -16.97
C LEU A 565 -16.21 20.67 -15.90
N ARG A 566 -15.91 21.13 -14.69
CA ARG A 566 -16.86 21.15 -13.59
C ARG A 566 -17.59 22.49 -13.61
N CYS A 567 -18.90 22.46 -13.79
CA CYS A 567 -19.69 23.67 -14.01
C CYS A 567 -20.38 24.10 -12.73
N LEU A 568 -20.37 25.41 -12.48
CA LEU A 568 -21.04 26.01 -11.33
C LEU A 568 -22.00 27.07 -11.83
N ALA A 569 -23.27 26.93 -11.47
CA ALA A 569 -24.27 27.94 -11.83
C ALA A 569 -24.24 29.09 -10.83
N LEU A 570 -24.36 30.31 -11.35
CA LEU A 570 -24.32 31.52 -10.54
C LEU A 570 -25.61 32.30 -10.76
N ALA A 571 -26.34 32.55 -9.66
CA ALA A 571 -27.61 33.26 -9.73
C ALA A 571 -27.70 34.25 -8.57
N THR A 572 -28.62 35.19 -8.72
CA THR A 572 -28.85 36.22 -7.71
C THR A 572 -30.33 36.29 -7.36
N ARG A 573 -30.62 36.52 -6.08
CA ARG A 573 -31.98 36.67 -5.60
C ARG A 573 -32.24 38.16 -5.46
N ASP A 574 -32.89 38.75 -6.46
CA ASP A 574 -33.09 40.20 -6.49
C ASP A 574 -33.97 40.67 -5.34
N THR A 575 -34.93 39.85 -4.92
CA THR A 575 -35.84 40.19 -3.83
C THR A 575 -35.66 39.16 -2.72
N PRO A 576 -34.57 39.26 -1.94
CA PRO A 576 -34.36 38.30 -0.88
C PRO A 576 -35.36 38.49 0.24
N PRO A 577 -35.64 37.44 1.03
CA PRO A 577 -36.56 37.59 2.15
C PRO A 577 -36.01 38.59 3.16
N LYS A 578 -36.93 39.17 3.93
CA LYS A 578 -36.54 40.14 4.95
C LYS A 578 -35.53 39.52 5.92
N ARG A 579 -34.66 40.38 6.47
CA ARG A 579 -33.61 39.90 7.37
C ARG A 579 -34.18 39.18 8.58
N GLU A 580 -35.34 39.62 9.08
CA GLU A 580 -35.92 39.05 10.28
C GLU A 580 -36.64 37.73 10.01
N GLU A 581 -37.15 37.53 8.80
CA GLU A 581 -37.86 36.32 8.44
C GLU A 581 -36.94 35.16 8.11
N MET A 582 -35.64 35.30 8.33
CA MET A 582 -34.66 34.27 8.01
C MET A 582 -34.07 33.70 9.29
N VAL A 583 -34.22 32.39 9.47
CA VAL A 583 -33.59 31.67 10.56
C VAL A 583 -32.29 31.08 10.05
N LEU A 584 -31.18 31.44 10.70
CA LEU A 584 -29.86 31.04 10.25
C LEU A 584 -29.37 29.77 10.92
N ASP A 585 -30.09 29.25 11.92
CA ASP A 585 -29.73 28.00 12.55
C ASP A 585 -30.29 26.79 11.80
N ASP A 586 -31.33 26.98 11.00
CA ASP A 586 -31.99 25.89 10.28
C ASP A 586 -31.39 25.80 8.88
N SER A 587 -30.50 24.82 8.68
CA SER A 587 -29.91 24.59 7.37
C SER A 587 -30.85 23.88 6.40
N SER A 588 -32.00 23.40 6.88
CA SER A 588 -33.00 22.79 6.01
C SER A 588 -33.81 23.83 5.22
N ARG A 589 -33.91 25.05 5.74
CA ARG A 589 -34.63 26.12 5.06
C ARG A 589 -33.73 26.96 4.17
N PHE A 590 -32.48 26.53 3.97
CA PHE A 590 -31.58 27.30 3.11
C PHE A 590 -32.00 27.20 1.65
N MET A 591 -32.36 26.00 1.19
CA MET A 591 -32.90 25.85 -0.16
C MET A 591 -34.16 26.67 -0.35
N GLU A 592 -34.95 26.83 0.72
CA GLU A 592 -36.12 27.68 0.67
C GLU A 592 -35.72 29.14 0.44
N TYR A 593 -34.70 29.61 1.16
CA TYR A 593 -34.26 30.99 1.02
C TYR A 593 -33.62 31.23 -0.35
N GLU A 594 -33.07 30.20 -0.97
CA GLU A 594 -32.44 30.31 -2.28
C GLU A 594 -33.40 29.99 -3.42
N THR A 595 -34.66 30.43 -3.32
CA THR A 595 -35.64 30.25 -4.37
C THR A 595 -35.92 31.59 -5.06
N ASP A 596 -36.68 31.50 -6.16
CA ASP A 596 -37.02 32.67 -6.97
C ASP A 596 -35.76 33.45 -7.37
N LEU A 597 -34.79 32.72 -7.90
CA LEU A 597 -33.51 33.29 -8.27
C LEU A 597 -33.59 33.92 -9.66
N THR A 598 -32.47 34.48 -10.10
CA THR A 598 -32.32 35.01 -11.45
C THR A 598 -30.99 34.52 -12.01
N PHE A 599 -31.05 33.71 -13.06
CA PHE A 599 -29.84 33.12 -13.62
C PHE A 599 -28.93 34.20 -14.18
N VAL A 600 -27.64 34.13 -13.81
CA VAL A 600 -26.65 35.09 -14.28
C VAL A 600 -25.74 34.42 -15.30
N GLY A 601 -24.96 33.44 -14.87
CA GLY A 601 -24.04 32.77 -15.77
C GLY A 601 -23.46 31.52 -15.13
N VAL A 602 -22.64 30.83 -15.90
CA VAL A 602 -22.05 29.56 -15.48
C VAL A 602 -20.56 29.60 -15.79
N VAL A 603 -19.74 29.24 -14.81
CA VAL A 603 -18.29 29.13 -14.98
C VAL A 603 -17.92 27.66 -15.10
N GLY A 604 -16.91 27.37 -15.91
CA GLY A 604 -16.41 26.02 -16.07
C GLY A 604 -14.95 25.91 -15.74
N MET A 605 -14.63 25.18 -14.67
CA MET A 605 -13.26 24.99 -14.21
C MET A 605 -12.75 23.61 -14.58
N LEU A 606 -11.42 23.49 -14.67
CA LEU A 606 -10.77 22.25 -15.08
C LEU A 606 -9.83 21.78 -13.98
N ASP A 607 -9.93 20.50 -13.64
CA ASP A 607 -8.96 19.83 -12.81
C ASP A 607 -8.08 18.98 -13.72
N PRO A 608 -6.95 19.49 -14.20
CA PRO A 608 -6.21 18.84 -15.28
C PRO A 608 -5.53 17.57 -14.79
N PRO A 609 -5.55 16.51 -15.58
CA PRO A 609 -4.82 15.29 -15.21
C PRO A 609 -3.32 15.52 -15.26
N ARG A 610 -2.58 14.65 -14.56
CA ARG A 610 -1.13 14.73 -14.54
C ARG A 610 -0.55 14.47 -15.92
N LYS A 611 0.57 15.13 -16.21
CA LYS A 611 1.20 14.99 -17.52
C LYS A 611 1.76 13.60 -17.75
N GLU A 612 1.96 12.82 -16.70
CA GLU A 612 2.47 11.46 -16.81
C GLU A 612 1.37 10.40 -16.74
N VAL A 613 0.17 10.78 -16.31
CA VAL A 613 -0.93 9.82 -16.22
C VAL A 613 -1.28 9.27 -17.59
N MET A 614 -1.18 10.11 -18.63
CA MET A 614 -1.53 9.69 -19.98
C MET A 614 -0.80 8.42 -20.39
N GLY A 615 0.52 8.43 -20.30
CA GLY A 615 1.30 7.27 -20.69
C GLY A 615 1.32 6.17 -19.66
N SER A 616 1.15 6.51 -18.39
CA SER A 616 1.12 5.48 -17.34
C SER A 616 -0.10 4.59 -17.49
N ILE A 617 -1.23 5.15 -17.89
CA ILE A 617 -2.41 4.34 -18.21
C ILE A 617 -2.09 3.41 -19.37
N GLN A 618 -1.29 3.89 -20.34
CA GLN A 618 -0.96 3.06 -21.50
C GLN A 618 -0.08 1.87 -21.11
N LEU A 619 0.84 2.07 -20.17
CA LEU A 619 1.66 0.96 -19.70
C LEU A 619 0.81 -0.13 -19.08
N CYS A 620 -0.19 0.26 -18.28
CA CYS A 620 -1.06 -0.73 -17.64
C CYS A 620 -1.80 -1.54 -18.69
N ARG A 621 -2.18 -0.91 -19.81
CA ARG A 621 -2.79 -1.66 -20.90
C ARG A 621 -1.79 -2.65 -21.51
N ASP A 622 -0.53 -2.23 -21.65
CA ASP A 622 0.48 -3.13 -22.17
C ASP A 622 0.87 -4.19 -21.15
N ALA A 623 0.75 -3.88 -19.87
CA ALA A 623 1.09 -4.81 -18.80
C ALA A 623 -0.10 -5.63 -18.33
N GLY A 624 -1.25 -5.53 -18.99
CA GLY A 624 -2.42 -6.29 -18.60
C GLY A 624 -2.95 -5.93 -17.22
N ILE A 625 -2.80 -4.67 -16.81
CA ILE A 625 -3.26 -4.19 -15.51
C ILE A 625 -4.48 -3.31 -15.72
N ARG A 626 -5.62 -3.73 -15.18
CA ARG A 626 -6.83 -2.92 -15.27
C ARG A 626 -6.73 -1.73 -14.33
N VAL A 627 -7.17 -0.57 -14.80
CA VAL A 627 -7.17 0.66 -14.02
C VAL A 627 -8.61 1.09 -13.79
N ILE A 628 -8.93 1.39 -12.53
CA ILE A 628 -10.27 1.80 -12.13
C ILE A 628 -10.17 3.17 -11.46
N MET A 629 -10.99 4.10 -11.93
CA MET A 629 -11.03 5.45 -11.38
C MET A 629 -12.18 5.58 -10.40
N ILE A 630 -11.89 6.16 -9.23
CA ILE A 630 -12.89 6.44 -8.21
C ILE A 630 -12.88 7.95 -7.99
N THR A 631 -13.97 8.62 -8.37
CA THR A 631 -14.03 10.07 -8.33
C THR A 631 -15.35 10.52 -7.71
N GLY A 632 -15.49 11.84 -7.60
CA GLY A 632 -16.71 12.44 -7.10
C GLY A 632 -17.45 13.22 -8.16
N ASP A 633 -16.81 13.38 -9.33
CA ASP A 633 -17.52 13.95 -10.48
C ASP A 633 -18.74 13.10 -10.79
N ASN A 634 -19.74 13.73 -11.42
CA ASN A 634 -20.92 12.99 -11.84
C ASN A 634 -20.52 11.93 -12.87
N LYS A 635 -21.44 10.99 -13.10
CA LYS A 635 -21.14 9.85 -13.97
C LYS A 635 -20.76 10.32 -15.38
N GLY A 636 -21.45 11.33 -15.89
CA GLY A 636 -21.13 11.82 -17.22
C GLY A 636 -19.74 12.42 -17.31
N THR A 637 -19.39 13.25 -16.33
CA THR A 637 -18.04 13.85 -16.31
C THR A 637 -16.99 12.80 -16.02
N ALA A 638 -17.27 11.90 -15.07
CA ALA A 638 -16.31 10.84 -14.74
C ALA A 638 -15.97 10.00 -15.97
N ILE A 639 -16.99 9.65 -16.77
CA ILE A 639 -16.72 8.91 -18.00
C ILE A 639 -15.91 9.75 -18.98
N ALA A 640 -16.24 11.04 -19.09
CA ALA A 640 -15.51 11.92 -20.00
C ALA A 640 -14.06 12.04 -19.61
N ILE A 641 -13.78 12.09 -18.30
CA ILE A 641 -12.40 12.18 -17.83
C ILE A 641 -11.67 10.87 -18.11
N CYS A 642 -12.36 9.74 -17.97
CA CYS A 642 -11.74 8.46 -18.31
C CYS A 642 -11.37 8.38 -19.78
N ARG A 643 -12.23 8.92 -20.65
CA ARG A 643 -11.89 8.98 -22.07
C ARG A 643 -10.69 9.87 -22.31
N ARG A 644 -10.47 10.86 -21.44
CA ARG A 644 -9.37 11.80 -21.64
C ARG A 644 -8.03 11.20 -21.25
N ILE A 645 -7.98 10.54 -20.09
CA ILE A 645 -6.70 10.00 -19.60
C ILE A 645 -6.35 8.65 -20.20
N GLY A 646 -7.28 8.01 -20.92
CA GLY A 646 -7.00 6.78 -21.61
C GLY A 646 -7.62 5.53 -21.02
N ILE A 647 -8.40 5.65 -19.95
CA ILE A 647 -9.05 4.47 -19.37
C ILE A 647 -10.11 3.93 -20.32
N PHE A 648 -10.97 4.81 -20.82
CA PHE A 648 -11.97 4.45 -21.81
C PHE A 648 -11.55 4.94 -23.18
N GLY A 649 -11.88 4.15 -24.20
CA GLY A 649 -11.72 4.61 -25.56
C GLY A 649 -12.60 5.82 -25.83
N GLU A 650 -12.21 6.61 -26.83
CA GLU A 650 -12.93 7.84 -27.10
C GLU A 650 -14.36 7.58 -27.58
N ASN A 651 -14.63 6.40 -28.14
CA ASN A 651 -15.95 6.11 -28.69
C ASN A 651 -16.40 4.69 -28.39
N GLU A 652 -16.00 4.12 -27.26
CA GLU A 652 -16.40 2.77 -26.89
C GLU A 652 -17.53 2.82 -25.87
N GLU A 653 -18.33 1.75 -25.85
CA GLU A 653 -19.49 1.68 -24.99
C GLU A 653 -19.07 1.38 -23.55
N VAL A 654 -19.63 2.13 -22.61
CA VAL A 654 -19.25 2.03 -21.20
C VAL A 654 -20.50 2.05 -20.33
N ALA A 655 -21.64 1.65 -20.90
CA ALA A 655 -22.88 1.65 -20.12
C ALA A 655 -22.83 0.66 -18.97
N ASP A 656 -22.06 -0.43 -19.14
CA ASP A 656 -21.91 -1.44 -18.12
C ASP A 656 -20.53 -1.41 -17.47
N ARG A 657 -19.74 -0.36 -17.73
CA ARG A 657 -18.39 -0.26 -17.19
C ARG A 657 -18.22 0.97 -16.29
N ALA A 658 -19.31 1.63 -15.93
CA ALA A 658 -19.25 2.79 -15.05
C ALA A 658 -20.53 2.84 -14.23
N TYR A 659 -20.39 3.01 -12.91
CA TYR A 659 -21.52 3.03 -12.01
C TYR A 659 -21.34 4.11 -10.97
N THR A 660 -22.46 4.66 -10.50
CA THR A 660 -22.44 5.56 -9.37
C THR A 660 -22.67 4.78 -8.08
N GLY A 661 -22.43 5.45 -6.95
CA GLY A 661 -22.68 4.82 -5.67
C GLY A 661 -24.11 4.38 -5.50
N ARG A 662 -25.06 5.17 -6.02
CA ARG A 662 -26.46 4.79 -5.95
C ARG A 662 -26.76 3.62 -6.88
N GLU A 663 -26.22 3.64 -8.09
CA GLU A 663 -26.44 2.54 -9.03
C GLU A 663 -25.88 1.23 -8.49
N PHE A 664 -24.70 1.29 -7.86
CA PHE A 664 -24.06 0.08 -7.36
C PHE A 664 -24.86 -0.56 -6.23
N ASP A 665 -25.51 0.27 -5.40
CA ASP A 665 -26.27 -0.27 -4.27
C ASP A 665 -27.56 -0.93 -4.73
N ASP A 666 -28.22 -0.35 -5.74
CA ASP A 666 -29.45 -0.92 -6.25
C ASP A 666 -29.24 -2.27 -6.93
N LEU A 667 -28.01 -2.58 -7.34
CA LEU A 667 -27.72 -3.88 -7.90
C LEU A 667 -27.73 -4.93 -6.79
N PRO A 668 -28.25 -6.12 -7.04
CA PRO A 668 -28.10 -7.22 -6.07
C PRO A 668 -26.64 -7.64 -5.98
N LEU A 669 -26.35 -8.43 -4.94
CA LEU A 669 -24.97 -8.85 -4.69
C LEU A 669 -24.40 -9.63 -5.86
N ALA A 670 -25.26 -10.33 -6.61
CA ALA A 670 -24.78 -11.10 -7.76
C ALA A 670 -24.30 -10.18 -8.88
N GLU A 671 -25.15 -9.25 -9.31
CA GLU A 671 -24.77 -8.31 -10.36
C GLU A 671 -23.73 -7.30 -9.87
N GLN A 672 -23.58 -7.14 -8.56
CA GLN A 672 -22.51 -6.29 -8.04
C GLN A 672 -21.14 -6.91 -8.28
N ARG A 673 -20.97 -8.16 -7.86
CA ARG A 673 -19.71 -8.87 -8.11
C ARG A 673 -19.43 -8.94 -9.61
N GLU A 674 -20.47 -9.15 -10.42
CA GLU A 674 -20.30 -9.14 -11.87
C GLU A 674 -19.92 -7.76 -12.39
N ALA A 675 -20.40 -6.69 -11.75
CA ALA A 675 -20.09 -5.35 -12.22
C ALA A 675 -18.64 -4.97 -11.97
N CYS A 676 -18.01 -5.54 -10.93
CA CYS A 676 -16.66 -5.16 -10.58
C CYS A 676 -15.61 -5.75 -11.51
N ARG A 677 -15.91 -6.84 -12.21
CA ARG A 677 -14.92 -7.44 -13.09
C ARG A 677 -14.77 -6.68 -14.41
N ARG A 678 -15.72 -5.80 -14.73
CA ARG A 678 -15.67 -5.03 -15.97
C ARG A 678 -15.65 -3.52 -15.78
N ALA A 679 -16.06 -3.02 -14.62
CA ALA A 679 -16.08 -1.58 -14.39
C ALA A 679 -14.66 -1.03 -14.28
N CYS A 680 -14.49 0.21 -14.76
CA CYS A 680 -13.25 0.95 -14.62
C CYS A 680 -13.50 2.37 -14.14
N CYS A 681 -14.71 2.66 -13.69
CA CYS A 681 -15.10 4.02 -13.33
C CYS A 681 -16.20 3.96 -12.28
N PHE A 682 -15.96 4.60 -11.14
CA PHE A 682 -16.93 4.68 -10.05
C PHE A 682 -17.03 6.13 -9.62
N ALA A 683 -18.24 6.68 -9.70
CA ALA A 683 -18.52 8.06 -9.34
C ALA A 683 -19.44 8.11 -8.12
N ARG A 684 -19.25 9.15 -7.29
CA ARG A 684 -20.08 9.37 -6.10
C ARG A 684 -20.11 8.12 -5.22
N VAL A 685 -18.91 7.65 -4.88
CA VAL A 685 -18.74 6.38 -4.19
C VAL A 685 -19.15 6.52 -2.73
N GLU A 686 -19.98 5.60 -2.25
CA GLU A 686 -20.35 5.59 -0.85
C GLU A 686 -19.17 5.12 0.00
N PRO A 687 -19.10 5.53 1.28
CA PRO A 687 -17.93 5.20 2.10
C PRO A 687 -17.63 3.71 2.17
N SER A 688 -18.66 2.88 2.25
CA SER A 688 -18.48 1.43 2.39
C SER A 688 -18.17 0.74 1.08
N HIS A 689 -18.08 1.46 -0.03
CA HIS A 689 -17.95 0.82 -1.33
C HIS A 689 -16.52 0.47 -1.71
N LYS A 690 -15.53 1.16 -1.14
CA LYS A 690 -14.15 0.84 -1.44
C LYS A 690 -13.79 -0.57 -0.98
N SER A 691 -14.25 -0.96 0.21
CA SER A 691 -14.01 -2.33 0.68
C SER A 691 -14.82 -3.33 -0.13
N LYS A 692 -16.06 -2.99 -0.49
CA LYS A 692 -16.87 -3.89 -1.28
C LYS A 692 -16.26 -4.15 -2.65
N ILE A 693 -15.67 -3.12 -3.25
CA ILE A 693 -15.03 -3.29 -4.55
C ILE A 693 -13.81 -4.20 -4.43
N VAL A 694 -13.08 -4.11 -3.32
CA VAL A 694 -11.91 -4.96 -3.13
C VAL A 694 -12.33 -6.42 -2.97
N GLU A 695 -13.34 -6.68 -2.12
CA GLU A 695 -13.80 -8.05 -1.91
C GLU A 695 -14.26 -8.69 -3.21
N TYR A 696 -15.08 -7.98 -3.98
CA TYR A 696 -15.52 -8.49 -5.28
C TYR A 696 -14.34 -8.69 -6.21
N LEU A 697 -13.36 -7.79 -6.18
CA LEU A 697 -12.16 -7.96 -6.98
C LEU A 697 -11.36 -9.18 -6.52
N GLN A 698 -11.29 -9.40 -5.21
CA GLN A 698 -10.58 -10.55 -4.69
C GLN A 698 -11.32 -11.86 -4.94
N SER A 699 -12.63 -11.80 -5.20
CA SER A 699 -13.37 -13.02 -5.51
C SER A 699 -12.98 -13.58 -6.87
N TYR A 700 -12.54 -12.70 -7.78
CA TYR A 700 -11.95 -13.12 -9.05
C TYR A 700 -10.44 -13.29 -8.96
N ASP A 701 -9.91 -13.42 -7.73
CA ASP A 701 -8.49 -13.66 -7.49
C ASP A 701 -7.61 -12.56 -8.08
N GLU A 702 -8.13 -11.32 -8.09
CA GLU A 702 -7.37 -10.18 -8.57
C GLU A 702 -6.47 -9.66 -7.46
N ILE A 703 -5.21 -9.38 -7.79
CA ILE A 703 -4.30 -8.70 -6.88
C ILE A 703 -4.56 -7.20 -7.03
N THR A 704 -5.25 -6.62 -6.04
CA THR A 704 -5.83 -5.30 -6.16
C THR A 704 -5.03 -4.28 -5.36
N ALA A 705 -4.72 -3.15 -6.01
CA ALA A 705 -4.18 -1.99 -5.34
C ALA A 705 -5.29 -0.97 -5.14
N MET A 706 -5.28 -0.31 -3.98
CA MET A 706 -6.31 0.66 -3.64
C MET A 706 -5.67 1.90 -3.02
N THR A 707 -6.22 3.06 -3.32
CA THR A 707 -5.70 4.33 -2.86
C THR A 707 -6.63 4.94 -1.81
N GLY A 708 -6.03 5.66 -0.87
CA GLY A 708 -6.77 6.33 0.19
C GLY A 708 -5.87 7.26 0.97
N ASP A 709 -6.48 8.04 1.85
CA ASP A 709 -5.70 9.02 2.61
C ASP A 709 -6.29 9.30 3.98
N GLY A 710 -7.52 8.87 4.22
CA GLY A 710 -8.20 9.12 5.48
C GLY A 710 -8.50 7.83 6.24
N VAL A 711 -8.88 8.01 7.50
CA VAL A 711 -9.27 6.87 8.33
C VAL A 711 -10.48 6.17 7.72
N ASN A 712 -11.30 6.89 6.96
CA ASN A 712 -12.39 6.25 6.23
C ASN A 712 -11.88 5.25 5.21
N ASP A 713 -10.67 5.44 4.70
CA ASP A 713 -10.08 4.55 3.72
C ASP A 713 -9.22 3.46 4.35
N ALA A 714 -9.01 3.51 5.67
CA ALA A 714 -8.12 2.54 6.32
C ALA A 714 -8.60 1.09 6.21
N PRO A 715 -9.89 0.77 6.39
CA PRO A 715 -10.28 -0.64 6.22
C PRO A 715 -10.11 -1.14 4.80
N ALA A 716 -10.27 -0.28 3.81
CA ALA A 716 -10.08 -0.69 2.42
C ALA A 716 -8.59 -0.85 2.09
N LEU A 717 -7.74 0.00 2.67
CA LEU A 717 -6.31 -0.13 2.43
C LEU A 717 -5.77 -1.43 3.02
N LYS A 718 -6.18 -1.76 4.23
CA LYS A 718 -5.69 -2.98 4.86
C LYS A 718 -6.21 -4.23 4.16
N LYS A 719 -7.44 -4.17 3.62
CA LYS A 719 -8.00 -5.34 2.97
C LYS A 719 -7.36 -5.58 1.62
N ALA A 720 -7.06 -4.53 0.87
CA ALA A 720 -6.44 -4.69 -0.43
C ALA A 720 -5.05 -5.30 -0.28
N GLU A 721 -4.62 -6.01 -1.33
CA GLU A 721 -3.28 -6.60 -1.33
C GLU A 721 -2.22 -5.52 -1.21
N ILE A 722 -2.35 -4.46 -2.00
CA ILE A 722 -1.43 -3.33 -1.95
C ILE A 722 -2.27 -2.10 -1.58
N GLY A 723 -2.27 -1.74 -0.30
CA GLY A 723 -2.82 -0.46 0.11
C GLY A 723 -1.84 0.64 -0.24
N ILE A 724 -2.33 1.67 -0.92
CA ILE A 724 -1.51 2.77 -1.40
C ILE A 724 -2.01 4.05 -0.76
N ALA A 725 -1.23 4.60 0.17
CA ALA A 725 -1.58 5.85 0.83
C ALA A 725 -0.77 7.01 0.26
N MET A 726 -1.33 8.21 0.39
CA MET A 726 -0.69 9.41 -0.11
C MET A 726 0.26 9.98 0.94
N GLY A 727 1.39 10.49 0.49
CA GLY A 727 2.32 11.14 1.41
C GLY A 727 1.70 12.31 2.13
N SER A 728 0.67 12.93 1.54
CA SER A 728 -0.08 13.99 2.17
C SER A 728 -1.29 13.48 2.94
N GLY A 729 -1.44 12.16 3.07
CA GLY A 729 -2.56 11.59 3.78
C GLY A 729 -2.31 11.48 5.28
N THR A 730 -3.31 10.95 5.98
CA THR A 730 -3.20 10.77 7.41
C THR A 730 -2.20 9.65 7.74
N ALA A 731 -1.58 9.75 8.91
CA ALA A 731 -0.62 8.73 9.32
C ALA A 731 -1.29 7.38 9.50
N VAL A 732 -2.58 7.37 9.84
CA VAL A 732 -3.31 6.11 9.96
C VAL A 732 -3.43 5.43 8.59
N ALA A 733 -3.82 6.19 7.57
CA ALA A 733 -3.89 5.63 6.23
C ALA A 733 -2.52 5.11 5.78
N LYS A 734 -1.44 5.76 6.22
CA LYS A 734 -0.11 5.31 5.87
C LYS A 734 0.21 3.97 6.54
N THR A 735 0.00 3.89 7.86
CA THR A 735 0.31 2.65 8.56
C THR A 735 -0.59 1.51 8.12
N ALA A 736 -1.78 1.82 7.61
CA ALA A 736 -2.67 0.80 7.08
C ALA A 736 -2.32 0.39 5.66
N SER A 737 -1.42 1.11 5.00
CA SER A 737 -1.07 0.84 3.62
C SER A 737 0.28 0.15 3.52
N GLU A 738 0.48 -0.54 2.40
CA GLU A 738 1.76 -1.19 2.11
C GLU A 738 2.75 -0.26 1.43
N MET A 739 2.25 0.70 0.65
CA MET A 739 3.10 1.64 -0.09
C MET A 739 2.55 3.05 0.07
N VAL A 740 3.45 4.01 0.20
CA VAL A 740 3.10 5.43 0.34
C VAL A 740 3.63 6.18 -0.88
N LEU A 741 2.76 6.91 -1.55
CA LEU A 741 3.14 7.76 -2.66
C LEU A 741 3.61 9.10 -2.10
N ALA A 742 4.93 9.32 -2.10
CA ALA A 742 5.48 10.55 -1.53
C ALA A 742 5.11 11.78 -2.35
N ASP A 743 4.70 11.60 -3.61
CA ASP A 743 4.27 12.70 -4.46
C ASP A 743 2.81 12.60 -4.85
N ASP A 744 2.08 11.61 -4.33
CA ASP A 744 0.65 11.42 -4.58
C ASP A 744 0.34 11.23 -6.06
N ASN A 745 1.34 10.88 -6.88
CA ASN A 745 1.17 10.75 -8.31
C ASN A 745 0.77 9.32 -8.66
N PHE A 746 -0.24 9.19 -9.53
CA PHE A 746 -0.64 7.86 -10.00
C PHE A 746 0.51 7.16 -10.71
N SER A 747 1.32 7.92 -11.45
CA SER A 747 2.40 7.31 -12.22
C SER A 747 3.41 6.61 -11.32
N THR A 748 3.53 7.06 -10.07
CA THR A 748 4.42 6.39 -9.13
C THR A 748 3.98 4.96 -8.86
N ILE A 749 2.66 4.71 -8.86
CA ILE A 749 2.16 3.35 -8.68
C ILE A 749 2.66 2.45 -9.79
N VAL A 750 2.52 2.90 -11.04
CA VAL A 750 2.94 2.08 -12.18
C VAL A 750 4.45 1.88 -12.17
N ALA A 751 5.21 2.92 -11.84
CA ALA A 751 6.66 2.79 -11.79
C ALA A 751 7.10 1.79 -10.73
N ALA A 752 6.35 1.71 -9.62
CA ALA A 752 6.68 0.77 -8.57
C ALA A 752 6.26 -0.65 -8.92
N VAL A 753 5.22 -0.81 -9.73
CA VAL A 753 4.83 -2.14 -10.20
C VAL A 753 5.89 -2.69 -11.15
N GLU A 754 6.34 -1.86 -12.09
CA GLU A 754 7.42 -2.28 -12.99
C GLU A 754 8.67 -2.65 -12.21
N GLU A 755 9.02 -1.84 -11.19
CA GLU A 755 10.16 -2.17 -10.35
C GLU A 755 9.90 -3.43 -9.54
N GLY A 756 8.65 -3.63 -9.10
CA GLY A 756 8.31 -4.84 -8.38
C GLY A 756 8.39 -6.09 -9.24
N ARG A 757 8.15 -5.96 -10.54
CA ARG A 757 8.30 -7.09 -11.44
C ARG A 757 9.77 -7.42 -11.68
N ALA A 758 10.60 -6.38 -11.88
CA ALA A 758 12.00 -6.60 -12.21
C ALA A 758 12.77 -7.20 -11.05
N ILE A 759 12.32 -6.94 -9.81
CA ILE A 759 13.01 -7.50 -8.65
C ILE A 759 12.69 -8.98 -8.51
N TYR A 760 11.44 -9.37 -8.75
CA TYR A 760 11.07 -10.77 -8.58
C TYR A 760 11.69 -11.66 -9.65
N ASN A 761 11.80 -11.15 -10.88
CA ASN A 761 12.46 -11.92 -11.93
C ASN A 761 13.90 -12.23 -11.56
N ASN A 762 14.59 -11.27 -10.93
CA ASN A 762 15.90 -11.55 -10.36
C ASN A 762 15.79 -12.40 -9.12
N MET A 763 14.68 -12.28 -8.37
CA MET A 763 14.49 -13.12 -7.20
C MET A 763 14.29 -14.57 -7.61
N LYS A 764 13.61 -14.81 -8.73
CA LYS A 764 13.47 -16.18 -9.23
C LYS A 764 14.82 -16.84 -9.41
N GLN A 765 15.80 -16.10 -9.92
CA GLN A 765 17.09 -16.68 -10.25
C GLN A 765 17.80 -17.17 -8.99
N PHE A 766 18.07 -16.28 -8.04
CA PHE A 766 18.86 -16.70 -6.89
C PHE A 766 18.09 -17.62 -5.95
N ILE A 767 16.76 -17.60 -5.99
CA ILE A 767 16.00 -18.62 -5.26
C ILE A 767 16.22 -19.98 -5.91
N ARG A 768 16.08 -20.04 -7.24
CA ARG A 768 16.34 -21.27 -7.96
C ARG A 768 17.81 -21.66 -7.93
N TYR A 769 18.71 -20.70 -7.74
CA TYR A 769 20.14 -21.00 -7.71
C TYR A 769 20.55 -21.57 -6.35
N LEU A 770 20.10 -20.97 -5.26
CA LEU A 770 20.47 -21.46 -3.94
C LEU A 770 19.85 -22.83 -3.67
N ILE A 771 18.63 -23.05 -4.14
CA ILE A 771 17.97 -24.33 -3.92
C ILE A 771 18.59 -25.41 -4.79
N SER A 772 18.94 -25.06 -6.03
CA SER A 772 19.66 -26.00 -6.89
C SER A 772 20.93 -26.50 -6.21
N SER A 773 21.60 -25.63 -5.44
CA SER A 773 22.77 -26.06 -4.69
C SER A 773 22.37 -27.00 -3.55
N ASN A 774 21.30 -26.68 -2.83
CA ASN A 774 20.82 -27.57 -1.78
C ASN A 774 20.39 -28.91 -2.36
N VAL A 775 19.95 -28.94 -3.61
CA VAL A 775 19.58 -30.20 -4.24
C VAL A 775 20.80 -31.09 -4.42
N GLY A 776 21.82 -30.58 -5.13
CA GLY A 776 23.02 -31.36 -5.37
C GLY A 776 23.75 -31.76 -4.10
N GLU A 777 23.67 -30.91 -3.06
CA GLU A 777 24.29 -31.28 -1.78
C GLU A 777 23.63 -32.50 -1.19
N VAL A 778 22.30 -32.56 -1.24
CA VAL A 778 21.59 -33.71 -0.69
C VAL A 778 21.93 -34.98 -1.46
N VAL A 779 22.13 -34.86 -2.78
CA VAL A 779 22.54 -36.00 -3.58
C VAL A 779 23.89 -36.52 -3.12
N CYS A 780 24.83 -35.61 -2.83
CA CYS A 780 26.13 -36.02 -2.35
C CYS A 780 26.03 -36.75 -1.02
N ILE A 781 25.18 -36.27 -0.12
CA ILE A 781 25.02 -36.93 1.18
C ILE A 781 24.35 -38.29 1.01
N PHE A 782 23.44 -38.41 0.06
CA PHE A 782 22.76 -39.69 -0.16
C PHE A 782 23.70 -40.71 -0.79
N LEU A 783 24.54 -40.27 -1.73
CA LEU A 783 25.51 -41.18 -2.34
C LEU A 783 26.49 -41.72 -1.32
N THR A 784 27.11 -40.83 -0.54
CA THR A 784 28.07 -41.27 0.47
C THR A 784 27.39 -42.13 1.53
N ALA A 785 26.07 -42.03 1.68
CA ALA A 785 25.33 -42.89 2.59
C ALA A 785 24.89 -44.18 1.91
N ALA A 786 24.52 -44.11 0.64
CA ALA A 786 24.07 -45.30 -0.07
C ALA A 786 25.22 -46.24 -0.38
N LEU A 787 26.38 -45.69 -0.75
CA LEU A 787 27.53 -46.50 -1.10
C LEU A 787 28.37 -46.92 0.11
N GLY A 788 28.15 -46.29 1.27
CA GLY A 788 28.98 -46.58 2.43
C GLY A 788 30.31 -45.86 2.44
N LEU A 789 30.43 -44.77 1.68
CA LEU A 789 31.68 -44.02 1.60
C LEU A 789 31.86 -43.13 2.82
N PRO A 790 33.10 -42.75 3.13
CA PRO A 790 33.32 -41.76 4.18
C PRO A 790 32.69 -40.43 3.80
N GLU A 791 32.35 -39.64 4.82
CA GLU A 791 31.69 -38.36 4.59
C GLU A 791 32.55 -37.46 3.73
N ALA A 792 32.00 -37.02 2.59
CA ALA A 792 32.74 -36.12 1.71
C ALA A 792 32.58 -34.67 2.13
N LEU A 793 31.44 -34.31 2.73
CA LEU A 793 31.18 -32.95 3.18
C LEU A 793 30.57 -33.00 4.56
N ILE A 794 31.01 -32.08 5.43
CA ILE A 794 30.53 -32.03 6.81
C ILE A 794 29.59 -30.83 6.95
N PRO A 795 28.71 -30.82 7.96
CA PRO A 795 27.78 -29.69 8.09
C PRO A 795 28.45 -28.34 8.24
N VAL A 796 29.62 -28.28 8.88
CA VAL A 796 30.31 -27.00 9.03
C VAL A 796 30.63 -26.39 7.67
N GLN A 797 31.11 -27.23 6.74
CA GLN A 797 31.44 -26.74 5.40
C GLN A 797 30.19 -26.32 4.64
N LEU A 798 29.14 -27.14 4.69
CA LEU A 798 27.91 -26.84 3.97
C LEU A 798 27.34 -25.49 4.40
N LEU A 799 27.36 -25.21 5.70
CA LEU A 799 26.84 -23.93 6.18
C LEU A 799 27.67 -22.77 5.65
N TRP A 800 28.99 -22.93 5.58
CA TRP A 800 29.82 -21.90 4.97
C TRP A 800 29.45 -21.68 3.52
N VAL A 801 29.08 -22.75 2.82
CA VAL A 801 28.73 -22.65 1.40
C VAL A 801 27.36 -21.98 1.24
N ASN A 802 26.38 -22.40 2.04
CA ASN A 802 25.02 -21.92 1.88
C ASN A 802 24.80 -20.53 2.47
N LEU A 803 25.73 -20.02 3.27
CA LEU A 803 25.62 -18.68 3.84
C LEU A 803 26.57 -17.68 3.22
N VAL A 804 27.82 -18.07 2.98
CA VAL A 804 28.86 -17.17 2.49
C VAL A 804 29.19 -17.45 1.03
N THR A 805 29.57 -18.68 0.70
CA THR A 805 30.10 -18.97 -0.63
C THR A 805 29.03 -18.80 -1.70
N ASP A 806 27.81 -19.26 -1.44
CA ASP A 806 26.69 -19.06 -2.37
C ASP A 806 25.89 -17.80 -2.09
N GLY A 807 26.09 -17.18 -0.93
CA GLY A 807 25.31 -15.98 -0.61
C GLY A 807 25.72 -14.77 -1.43
N LEU A 808 27.00 -14.65 -1.73
CA LEU A 808 27.49 -13.50 -2.48
C LEU A 808 27.06 -13.55 -3.94
N PRO A 809 27.16 -14.68 -4.64
CA PRO A 809 26.60 -14.72 -6.00
C PRO A 809 25.10 -14.54 -6.03
N ALA A 810 24.36 -15.16 -5.11
CA ALA A 810 22.92 -15.02 -5.09
C ALA A 810 22.51 -13.56 -4.93
N THR A 811 23.18 -12.84 -4.01
CA THR A 811 22.89 -11.43 -3.83
C THR A 811 23.21 -10.63 -5.10
N ALA A 812 24.27 -11.01 -5.81
CA ALA A 812 24.58 -10.36 -7.07
C ALA A 812 23.57 -10.69 -8.15
N LEU A 813 22.97 -11.89 -8.08
CA LEU A 813 21.91 -12.22 -9.03
C LEU A 813 20.67 -11.35 -8.85
N GLY A 814 20.55 -10.68 -7.71
CA GLY A 814 19.49 -9.69 -7.54
C GLY A 814 19.71 -8.43 -8.34
N PHE A 815 20.93 -8.22 -8.83
CA PHE A 815 21.27 -7.07 -9.67
C PHE A 815 21.30 -7.44 -11.15
N ASN A 816 20.66 -8.54 -11.54
CA ASN A 816 20.61 -8.91 -12.94
C ASN A 816 19.82 -7.88 -13.73
N PRO A 817 20.23 -7.59 -14.96
CA PRO A 817 19.53 -6.60 -15.77
C PRO A 817 18.13 -7.06 -16.12
N PRO A 818 17.12 -6.21 -15.93
CA PRO A 818 15.74 -6.59 -16.26
C PRO A 818 15.55 -6.65 -17.78
N ASP A 819 14.57 -7.46 -18.19
CA ASP A 819 14.25 -7.60 -19.59
C ASP A 819 13.60 -6.33 -20.13
N LEU A 820 13.57 -6.22 -21.45
CA LEU A 820 13.00 -5.04 -22.11
C LEU A 820 11.49 -5.13 -22.30
N ASP A 821 10.89 -6.29 -22.06
CA ASP A 821 9.46 -6.49 -22.22
C ASP A 821 8.76 -6.75 -20.88
N ILE A 822 9.24 -6.10 -19.82
CA ILE A 822 8.64 -6.28 -18.49
C ILE A 822 7.16 -5.90 -18.53
N MET A 823 6.88 -4.66 -18.91
CA MET A 823 5.52 -4.14 -18.96
C MET A 823 4.83 -4.45 -20.28
N ASP A 824 5.36 -5.38 -21.06
CA ASP A 824 4.70 -5.84 -22.29
C ASP A 824 4.15 -7.25 -22.13
N ARG A 825 4.01 -7.72 -20.90
CA ARG A 825 3.52 -9.06 -20.59
C ARG A 825 2.46 -8.97 -19.50
N PRO A 826 1.50 -9.89 -19.50
CA PRO A 826 0.44 -9.87 -18.47
C PRO A 826 1.02 -10.15 -17.09
N PRO A 827 0.32 -9.76 -16.03
CA PRO A 827 0.86 -9.94 -14.67
C PRO A 827 1.08 -11.40 -14.34
N ARG A 828 2.08 -11.66 -13.50
CA ARG A 828 2.44 -13.03 -13.16
C ARG A 828 1.32 -13.70 -12.37
N SER A 829 1.08 -14.96 -12.67
CA SER A 829 0.11 -15.74 -11.91
C SER A 829 0.65 -16.01 -10.51
N PRO A 830 -0.13 -15.76 -9.46
CA PRO A 830 0.37 -16.06 -8.11
C PRO A 830 0.60 -17.53 -7.87
N LYS A 831 -0.16 -18.40 -8.54
CA LYS A 831 -0.01 -19.84 -8.41
C LYS A 831 1.17 -20.38 -9.19
N GLU A 832 1.80 -19.57 -10.04
CA GLU A 832 2.92 -19.99 -10.87
C GLU A 832 4.08 -20.46 -10.00
N PRO A 833 4.42 -21.74 -10.04
CA PRO A 833 5.52 -22.24 -9.20
C PRO A 833 6.87 -21.79 -9.72
N LEU A 834 7.85 -21.79 -8.81
CA LEU A 834 9.17 -21.29 -9.17
C LEU A 834 9.94 -22.28 -10.04
N ILE A 835 9.83 -23.57 -9.76
CA ILE A 835 10.51 -24.61 -10.53
C ILE A 835 9.50 -25.69 -10.88
N SER A 836 9.41 -26.05 -12.16
CA SER A 836 8.47 -27.05 -12.62
C SER A 836 8.83 -27.46 -14.04
N GLY A 837 8.23 -28.55 -14.48
CA GLY A 837 8.34 -28.95 -15.88
C GLY A 837 9.76 -29.29 -16.26
N TRP A 838 10.21 -28.73 -17.39
CA TRP A 838 11.57 -29.01 -17.88
C TRP A 838 12.62 -28.38 -16.98
N LEU A 839 12.31 -27.26 -16.34
CA LEU A 839 13.23 -26.67 -15.38
C LEU A 839 13.46 -27.59 -14.21
N PHE A 840 12.39 -28.27 -13.75
CA PHE A 840 12.52 -29.28 -12.72
C PHE A 840 13.53 -30.35 -13.13
N PHE A 841 13.44 -30.81 -14.37
CA PHE A 841 14.35 -31.85 -14.85
C PHE A 841 15.78 -31.35 -14.94
N ARG A 842 15.99 -30.07 -15.27
CA ARG A 842 17.34 -29.54 -15.40
C ARG A 842 18.07 -29.58 -14.05
N TYR A 843 17.45 -29.00 -13.01
CA TYR A 843 18.05 -29.05 -11.68
C TYR A 843 18.10 -30.48 -11.17
N MET A 844 17.21 -31.34 -11.66
CA MET A 844 17.29 -32.76 -11.34
C MET A 844 18.57 -33.37 -11.90
N ALA A 845 18.97 -32.94 -13.10
CA ALA A 845 20.19 -33.46 -13.70
C ALA A 845 21.43 -32.77 -13.13
N ILE A 846 21.37 -31.46 -12.92
CA ILE A 846 22.46 -30.74 -12.29
C ILE A 846 22.73 -31.32 -10.90
N GLY A 847 21.66 -31.49 -10.11
CA GLY A 847 21.83 -32.00 -8.76
C GLY A 847 22.42 -33.39 -8.73
N GLY A 848 21.97 -34.27 -9.62
CA GLY A 848 22.59 -35.57 -9.74
C GLY A 848 24.04 -35.48 -10.16
N TYR A 849 24.35 -34.53 -11.03
CA TYR A 849 25.74 -34.33 -11.45
C TYR A 849 26.58 -33.76 -10.32
N VAL A 850 26.05 -32.77 -9.59
CA VAL A 850 26.79 -32.16 -8.50
C VAL A 850 27.08 -33.18 -7.41
N GLY A 851 26.06 -33.94 -7.01
CA GLY A 851 26.24 -34.95 -5.98
C GLY A 851 27.25 -36.03 -6.37
N ALA A 852 27.33 -36.34 -7.66
CA ALA A 852 28.33 -37.30 -8.12
C ALA A 852 29.71 -36.67 -8.20
N ALA A 853 29.80 -35.43 -8.64
CA ALA A 853 31.08 -34.77 -8.82
C ALA A 853 31.80 -34.60 -7.48
N THR A 854 31.07 -34.25 -6.43
CA THR A 854 31.67 -34.05 -5.12
C THR A 854 32.03 -35.38 -4.46
N VAL A 855 31.11 -36.35 -4.50
CA VAL A 855 31.41 -37.67 -3.96
C VAL A 855 32.56 -38.30 -4.72
N GLY A 856 32.60 -38.11 -6.04
CA GLY A 856 33.69 -38.65 -6.82
C GLY A 856 35.02 -37.99 -6.53
N ALA A 857 35.01 -36.66 -6.36
CA ALA A 857 36.26 -35.94 -6.10
C ALA A 857 36.91 -36.41 -4.80
N ALA A 858 36.10 -36.66 -3.77
CA ALA A 858 36.65 -37.20 -2.53
C ALA A 858 37.11 -38.64 -2.71
N ALA A 859 36.30 -39.46 -3.39
CA ALA A 859 36.69 -40.84 -3.66
C ALA A 859 37.87 -40.91 -4.61
N TRP A 860 38.06 -39.90 -5.46
CA TRP A 860 39.19 -39.88 -6.37
C TRP A 860 40.50 -39.75 -5.60
N TRP A 861 40.51 -38.99 -4.52
CA TRP A 861 41.73 -38.82 -3.73
C TRP A 861 42.07 -40.09 -2.97
N PHE A 862 41.05 -40.79 -2.45
CA PHE A 862 41.31 -42.03 -1.72
C PHE A 862 41.92 -43.09 -2.63
N MET A 863 41.69 -43.00 -3.94
CA MET A 863 42.11 -44.05 -4.85
C MET A 863 43.19 -43.58 -5.82
N TYR A 864 42.79 -42.81 -6.84
CA TYR A 864 43.68 -42.49 -7.97
C TYR A 864 44.44 -41.19 -7.74
N ALA A 865 45.10 -41.05 -6.60
CA ALA A 865 45.82 -39.82 -6.28
C ALA A 865 47.23 -40.13 -5.79
N GLU A 866 48.19 -39.31 -6.22
CA GLU A 866 49.57 -39.50 -5.77
C GLU A 866 49.72 -39.19 -4.29
N ASP A 867 49.13 -38.08 -3.84
CA ASP A 867 49.15 -37.75 -2.42
C ASP A 867 48.35 -38.76 -1.60
N GLY A 868 47.35 -39.39 -2.20
CA GLY A 868 46.48 -40.29 -1.49
C GLY A 868 46.95 -41.73 -1.52
N PRO A 869 46.27 -42.59 -0.78
CA PRO A 869 46.66 -44.00 -0.72
C PRO A 869 46.15 -44.76 -1.93
N GLY A 870 46.65 -46.00 -2.06
CA GLY A 870 46.21 -46.88 -3.13
C GLY A 870 44.99 -47.68 -2.74
N VAL A 871 44.05 -47.04 -2.04
CA VAL A 871 42.84 -47.71 -1.60
C VAL A 871 41.95 -48.00 -2.80
N THR A 872 41.27 -49.14 -2.77
CA THR A 872 40.34 -49.51 -3.83
C THR A 872 38.91 -49.25 -3.39
N TYR A 873 37.97 -49.62 -4.26
CA TYR A 873 36.56 -49.32 -4.01
C TYR A 873 35.98 -50.23 -2.93
N HIS A 874 36.35 -51.51 -2.94
CA HIS A 874 35.70 -52.47 -2.07
C HIS A 874 36.03 -52.23 -0.60
N GLN A 875 37.17 -51.62 -0.32
CA GLN A 875 37.55 -51.31 1.06
C GLN A 875 37.19 -49.90 1.49
N LEU A 876 37.10 -48.96 0.54
CA LEU A 876 36.64 -47.62 0.89
C LEU A 876 35.20 -47.64 1.38
N THR A 877 34.39 -48.56 0.87
CA THR A 877 33.01 -48.70 1.32
C THR A 877 32.91 -49.42 2.66
N HIS A 878 33.94 -50.17 3.05
CA HIS A 878 33.98 -50.87 4.33
C HIS A 878 35.03 -50.26 5.25
N PHE A 879 35.20 -48.94 5.18
CA PHE A 879 36.29 -48.29 5.90
C PHE A 879 36.10 -48.38 7.41
N MET A 880 34.85 -48.52 7.87
CA MET A 880 34.60 -48.60 9.30
C MET A 880 35.06 -49.90 9.92
N GLN A 881 35.44 -50.88 9.10
CA GLN A 881 35.97 -52.15 9.59
C GLN A 881 37.49 -52.18 9.58
N CYS A 882 38.14 -51.04 9.36
CA CYS A 882 39.59 -51.00 9.27
C CYS A 882 40.24 -51.25 10.61
N THR A 883 39.76 -50.58 11.67
CA THR A 883 40.39 -50.69 12.98
C THR A 883 40.29 -52.10 13.54
N GLU A 884 39.24 -52.83 13.19
CA GLU A 884 39.05 -54.20 13.68
C GLU A 884 39.64 -55.21 12.69
N ASP A 885 39.00 -55.36 11.53
CA ASP A 885 39.41 -56.32 10.52
C ASP A 885 40.55 -55.70 9.70
N HIS A 886 41.74 -55.73 10.29
CA HIS A 886 42.92 -55.13 9.68
C HIS A 886 43.46 -55.92 8.49
N PRO A 887 43.54 -57.26 8.54
CA PRO A 887 44.07 -57.98 7.38
C PRO A 887 43.26 -57.78 6.10
N HIS A 888 41.97 -57.50 6.21
CA HIS A 888 41.18 -57.24 5.01
C HIS A 888 41.55 -55.91 4.37
N PHE A 889 41.98 -54.94 5.16
CA PHE A 889 42.33 -53.61 4.67
C PHE A 889 43.73 -53.21 5.11
N GLU A 890 44.68 -54.14 4.99
CA GLU A 890 46.05 -53.86 5.41
C GLU A 890 46.72 -52.92 4.43
N GLY A 891 47.53 -52.00 4.97
CA GLY A 891 48.23 -51.05 4.14
C GLY A 891 48.67 -49.79 4.87
N LEU A 892 47.72 -48.92 5.19
CA LEU A 892 48.02 -47.66 5.83
C LEU A 892 47.18 -47.49 7.10
N ASP A 893 47.38 -46.35 7.76
CA ASP A 893 46.63 -46.02 8.97
C ASP A 893 45.15 -45.93 8.65
N CYS A 894 44.32 -46.35 9.61
CA CYS A 894 42.88 -46.21 9.49
C CYS A 894 42.42 -44.77 9.69
N GLU A 895 43.27 -43.90 10.23
CA GLU A 895 42.94 -42.49 10.35
C GLU A 895 42.96 -41.77 9.01
N ILE A 896 43.46 -42.41 7.96
CA ILE A 896 43.50 -41.77 6.64
C ILE A 896 42.11 -41.66 6.03
N PHE A 897 41.13 -42.41 6.55
CA PHE A 897 39.75 -42.24 6.14
C PHE A 897 39.10 -41.02 6.77
N GLU A 898 39.83 -40.28 7.60
CA GLU A 898 39.35 -39.01 8.16
C GLU A 898 40.20 -37.84 7.70
N ALA A 899 40.95 -38.03 6.61
CA ALA A 899 41.87 -37.00 6.13
C ALA A 899 41.09 -35.78 5.63
N PRO A 900 41.68 -34.59 5.72
CA PRO A 900 40.98 -33.38 5.25
C PRO A 900 41.06 -33.22 3.74
N GLU A 901 42.09 -33.79 3.12
CA GLU A 901 42.28 -33.66 1.67
C GLU A 901 41.09 -34.10 0.85
N PRO A 902 40.48 -35.28 1.08
CA PRO A 902 39.32 -35.66 0.25
C PRO A 902 38.12 -34.75 0.46
N MET A 903 37.89 -34.28 1.69
CA MET A 903 36.78 -33.36 1.94
C MET A 903 37.04 -32.02 1.28
N THR A 904 38.31 -31.57 1.25
CA THR A 904 38.63 -30.32 0.58
C THR A 904 38.45 -30.43 -0.93
N MET A 905 38.85 -31.56 -1.52
CA MET A 905 38.56 -31.80 -2.93
C MET A 905 37.06 -31.73 -3.19
N ALA A 906 36.27 -32.39 -2.34
CA ALA A 906 34.82 -32.35 -2.51
C ALA A 906 34.28 -30.94 -2.31
N LEU A 907 34.78 -30.22 -1.31
CA LEU A 907 34.31 -28.87 -1.05
C LEU A 907 34.72 -27.91 -2.16
N SER A 908 35.98 -27.99 -2.60
CA SER A 908 36.43 -27.12 -3.69
C SER A 908 35.65 -27.38 -4.97
N VAL A 909 35.24 -28.63 -5.20
CA VAL A 909 34.43 -28.95 -6.38
C VAL A 909 33.05 -28.33 -6.26
N LEU A 910 32.43 -28.46 -5.08
CA LEU A 910 31.11 -27.85 -4.87
C LEU A 910 31.17 -26.34 -5.04
N VAL A 911 32.24 -25.70 -4.56
CA VAL A 911 32.37 -24.26 -4.68
C VAL A 911 32.50 -23.86 -6.15
N THR A 912 33.39 -24.53 -6.89
CA THR A 912 33.63 -24.17 -8.28
C THR A 912 32.37 -24.35 -9.12
N ILE A 913 31.64 -25.43 -8.91
CA ILE A 913 30.40 -25.66 -9.66
C ILE A 913 29.39 -24.55 -9.40
N GLU A 914 29.21 -24.20 -8.13
CA GLU A 914 28.23 -23.17 -7.78
C GLU A 914 28.64 -21.80 -8.33
N MET A 915 29.94 -21.56 -8.51
CA MET A 915 30.36 -20.36 -9.23
C MET A 915 29.99 -20.45 -10.69
N CYS A 916 30.19 -21.61 -11.31
CA CYS A 916 29.75 -21.81 -12.68
C CYS A 916 28.23 -21.80 -12.77
N ASN A 917 27.56 -22.47 -11.84
CA ASN A 917 26.10 -22.54 -11.86
C ASN A 917 25.47 -21.18 -11.57
N ALA A 918 26.19 -20.27 -10.90
CA ALA A 918 25.71 -18.90 -10.77
C ALA A 918 25.69 -18.20 -12.13
N LEU A 919 26.70 -18.47 -12.96
CA LEU A 919 26.70 -17.91 -14.31
C LEU A 919 25.56 -18.48 -15.13
N ASN A 920 25.28 -19.78 -14.97
CA ASN A 920 24.14 -20.39 -15.64
C ASN A 920 22.83 -19.79 -15.18
N SER A 921 22.82 -19.11 -14.04
CA SER A 921 21.62 -18.49 -13.49
C SER A 921 21.43 -17.06 -13.97
N LEU A 922 22.29 -16.56 -14.87
CA LEU A 922 22.07 -15.23 -15.42
C LEU A 922 20.82 -15.19 -16.28
N SER A 923 20.47 -16.30 -16.92
CA SER A 923 19.25 -16.38 -17.71
C SER A 923 18.69 -17.79 -17.62
N GLU A 924 17.36 -17.88 -17.65
CA GLU A 924 16.70 -19.17 -17.49
C GLU A 924 17.00 -20.11 -18.65
N ASN A 925 16.80 -19.62 -19.88
CA ASN A 925 17.00 -20.45 -21.06
C ASN A 925 18.00 -19.88 -22.06
N GLN A 926 18.43 -18.63 -21.91
CA GLN A 926 19.38 -18.04 -22.85
C GLN A 926 20.79 -18.56 -22.57
N SER A 927 21.51 -18.86 -23.65
CA SER A 927 22.87 -19.37 -23.52
C SER A 927 23.81 -18.28 -23.00
N LEU A 928 24.98 -18.73 -22.54
CA LEU A 928 26.05 -17.80 -22.21
C LEU A 928 26.72 -17.22 -23.45
N MET A 929 26.46 -17.80 -24.63
CA MET A 929 26.92 -17.19 -25.87
C MET A 929 26.03 -16.02 -26.27
N ARG A 930 24.73 -16.10 -25.98
CA ARG A 930 23.82 -14.99 -26.23
C ARG A 930 23.93 -13.94 -25.13
N MET A 931 23.91 -14.37 -23.87
CA MET A 931 24.01 -13.48 -22.71
C MET A 931 25.31 -13.79 -21.99
N PRO A 932 26.38 -13.03 -22.26
CA PRO A 932 27.70 -13.36 -21.70
C PRO A 932 27.70 -13.22 -20.19
N PRO A 933 28.72 -13.79 -19.51
CA PRO A 933 28.78 -13.65 -18.05
C PRO A 933 29.10 -12.23 -17.61
N TRP A 934 29.79 -11.44 -18.43
CA TRP A 934 30.11 -10.08 -18.05
C TRP A 934 28.94 -9.13 -18.19
N VAL A 935 27.73 -9.64 -18.45
CA VAL A 935 26.55 -8.81 -18.44
C VAL A 935 26.29 -8.28 -17.03
N ASN A 936 26.60 -9.08 -16.02
CA ASN A 936 26.42 -8.70 -14.63
C ASN A 936 27.81 -8.60 -14.00
N ILE A 937 28.32 -7.38 -13.89
CA ILE A 937 29.65 -7.18 -13.32
C ILE A 937 29.66 -7.52 -11.84
N TRP A 938 28.55 -7.25 -11.14
CA TRP A 938 28.47 -7.60 -9.72
C TRP A 938 28.60 -9.10 -9.51
N LEU A 939 28.05 -9.90 -10.43
CA LEU A 939 28.17 -11.35 -10.31
C LEU A 939 29.62 -11.78 -10.43
N LEU A 940 30.35 -11.23 -11.40
CA LEU A 940 31.76 -11.56 -11.55
C LEU A 940 32.56 -11.16 -10.31
N GLY A 941 32.32 -9.96 -9.80
CA GLY A 941 33.00 -9.54 -8.59
C GLY A 941 32.67 -10.43 -7.40
N SER A 942 31.39 -10.78 -7.26
CA SER A 942 30.98 -11.65 -6.15
C SER A 942 31.67 -13.00 -6.24
N ILE A 943 31.80 -13.54 -7.45
CA ILE A 943 32.47 -14.82 -7.62
C ILE A 943 33.95 -14.71 -7.25
N CYS A 944 34.59 -13.61 -7.64
CA CYS A 944 35.97 -13.37 -7.23
C CYS A 944 36.08 -13.33 -5.71
N LEU A 945 35.14 -12.67 -5.04
CA LEU A 945 35.18 -12.58 -3.58
C LEU A 945 34.95 -13.94 -2.93
N SER A 946 34.02 -14.73 -3.48
CA SER A 946 33.72 -16.04 -2.90
C SER A 946 34.93 -16.96 -2.93
N MET A 947 35.63 -16.99 -4.07
CA MET A 947 36.84 -17.81 -4.15
C MET A 947 37.92 -17.31 -3.20
N SER A 948 38.09 -15.99 -3.11
CA SER A 948 39.07 -15.43 -2.18
C SER A 948 38.73 -15.79 -0.74
N LEU A 949 37.45 -15.96 -0.43
CA LEU A 949 37.05 -16.45 0.89
C LEU A 949 37.22 -17.96 1.03
N HIS A 950 37.27 -18.69 -0.08
CA HIS A 950 37.53 -20.13 -0.01
C HIS A 950 38.99 -20.40 0.32
N PHE A 951 39.91 -19.70 -0.35
CA PHE A 951 41.31 -19.78 0.01
C PHE A 951 41.57 -19.24 1.41
N LEU A 952 40.68 -18.37 1.90
CA LEU A 952 40.81 -17.87 3.26
C LEU A 952 40.69 -19.00 4.28
N ILE A 953 39.75 -19.92 4.07
CA ILE A 953 39.53 -21.02 5.00
C ILE A 953 40.43 -22.19 4.63
N LEU A 954 41.39 -21.96 3.75
CA LEU A 954 42.34 -22.99 3.35
C LEU A 954 43.77 -22.71 3.80
N TYR A 955 44.05 -21.51 4.33
CA TYR A 955 45.43 -21.15 4.62
C TYR A 955 45.58 -20.48 5.99
N VAL A 956 44.62 -19.63 6.37
CA VAL A 956 44.69 -18.92 7.64
C VAL A 956 44.50 -19.91 8.78
N ASP A 957 45.62 -20.31 9.40
CA ASP A 957 45.73 -21.49 10.26
C ASP A 957 44.53 -21.79 11.17
N PRO A 958 43.93 -20.81 11.87
CA PRO A 958 42.77 -21.17 12.71
C PRO A 958 41.61 -21.76 11.93
N LEU A 959 41.48 -21.42 10.65
CA LEU A 959 40.31 -21.80 9.86
C LEU A 959 40.36 -23.25 9.36
N PRO A 960 41.42 -23.69 8.68
CA PRO A 960 41.41 -25.07 8.15
C PRO A 960 41.33 -26.14 9.22
N MET A 961 41.65 -25.80 10.48
CA MET A 961 41.44 -26.77 11.55
C MET A 961 39.96 -26.88 11.89
N ILE A 962 39.23 -25.77 11.82
CA ILE A 962 37.80 -25.78 12.14
C ILE A 962 37.02 -26.48 11.04
N PHE A 963 37.17 -26.02 9.81
CA PHE A 963 36.47 -26.63 8.67
C PHE A 963 37.10 -27.93 8.22
N LYS A 964 38.20 -28.36 8.86
CA LYS A 964 38.86 -29.63 8.54
C LYS A 964 39.27 -29.69 7.07
N LEU A 965 40.08 -28.72 6.68
CA LEU A 965 40.52 -28.57 5.29
C LEU A 965 42.04 -28.52 5.23
N LYS A 966 42.56 -28.62 4.00
CA LYS A 966 43.99 -28.55 3.75
C LYS A 966 44.23 -28.01 2.36
N ALA A 967 45.31 -27.25 2.19
CA ALA A 967 45.60 -26.58 0.93
C ALA A 967 45.84 -27.60 -0.17
N LEU A 968 45.10 -27.47 -1.26
CA LEU A 968 45.20 -28.39 -2.38
C LEU A 968 46.46 -28.11 -3.20
N ASP A 969 47.00 -29.18 -3.78
CA ASP A 969 48.10 -29.05 -4.73
C ASP A 969 47.57 -28.53 -6.06
N LEU A 970 48.48 -27.96 -6.86
CA LEU A 970 48.09 -27.46 -8.18
C LEU A 970 47.49 -28.58 -9.03
N THR A 971 48.04 -29.79 -8.92
CA THR A 971 47.50 -30.93 -9.66
C THR A 971 46.09 -31.26 -9.19
N GLN A 972 45.86 -31.25 -7.88
CA GLN A 972 44.53 -31.55 -7.34
C GLN A 972 43.54 -30.46 -7.72
N TRP A 973 43.99 -29.22 -7.84
CA TRP A 973 43.10 -28.14 -8.28
C TRP A 973 42.70 -28.32 -9.74
N LEU A 974 43.59 -28.88 -10.57
CA LEU A 974 43.22 -29.19 -11.95
C LEU A 974 42.10 -30.22 -11.98
N MET A 975 42.20 -31.26 -11.15
CA MET A 975 41.15 -32.27 -11.10
C MET A 975 39.83 -31.67 -10.63
N VAL A 976 39.90 -30.62 -9.80
CA VAL A 976 38.68 -29.89 -9.43
C VAL A 976 38.04 -29.29 -10.68
N LEU A 977 38.82 -28.54 -11.46
CA LEU A 977 38.27 -27.93 -12.67
C LEU A 977 37.92 -28.99 -13.71
N LYS A 978 38.61 -30.12 -13.71
CA LYS A 978 38.29 -31.20 -14.65
C LYS A 978 36.88 -31.73 -14.42
N ILE A 979 36.38 -31.64 -13.18
CA ILE A 979 35.10 -32.22 -12.82
C ILE A 979 34.04 -31.16 -12.52
N SER A 980 34.43 -29.89 -12.43
CA SER A 980 33.49 -28.81 -12.12
C SER A 980 33.09 -28.00 -13.33
N LEU A 981 34.05 -27.64 -14.18
CA LEU A 981 33.78 -26.80 -15.33
C LEU A 981 32.70 -27.32 -16.27
N PRO A 982 32.65 -28.63 -16.65
CA PRO A 982 31.67 -29.06 -17.64
C PRO A 982 30.22 -28.97 -17.17
N VAL A 983 30.00 -28.56 -15.91
CA VAL A 983 28.63 -28.30 -15.46
C VAL A 983 27.99 -27.19 -16.27
N ILE A 984 28.80 -26.34 -16.89
CA ILE A 984 28.28 -25.32 -17.79
C ILE A 984 27.79 -25.96 -19.07
N GLY A 985 28.59 -26.86 -19.65
CA GLY A 985 28.18 -27.55 -20.86
C GLY A 985 26.95 -28.41 -20.66
N LEU A 986 26.83 -29.03 -19.48
CA LEU A 986 25.65 -29.82 -19.18
C LEU A 986 24.39 -28.95 -19.20
N ASP A 987 24.43 -27.83 -18.48
CA ASP A 987 23.26 -26.96 -18.44
C ASP A 987 23.06 -26.23 -19.78
N GLU A 988 24.15 -25.95 -20.49
CA GLU A 988 24.03 -25.27 -21.78
C GLU A 988 23.31 -26.15 -22.79
N ILE A 989 23.54 -27.46 -22.73
CA ILE A 989 22.80 -28.38 -23.59
C ILE A 989 21.34 -28.41 -23.20
N LEU A 990 21.04 -28.45 -21.90
CA LEU A 990 19.66 -28.44 -21.46
C LEU A 990 18.95 -27.15 -21.86
N LYS A 991 19.70 -26.05 -21.96
CA LYS A 991 19.11 -24.79 -22.41
C LYS A 991 18.77 -24.86 -23.89
N PHE A 992 19.69 -25.37 -24.71
CA PHE A 992 19.43 -25.56 -26.14
C PHE A 992 18.16 -26.37 -26.35
N ILE A 993 18.02 -27.47 -25.60
CA ILE A 993 16.81 -28.28 -25.68
C ILE A 993 15.57 -27.47 -25.35
N ALA A 994 15.67 -26.63 -24.30
CA ALA A 994 14.51 -25.85 -23.88
C ALA A 994 14.11 -24.81 -24.92
N ARG A 995 15.07 -24.35 -25.74
CA ARG A 995 14.79 -23.28 -26.69
C ARG A 995 14.27 -23.78 -28.04
N ASN A 996 14.59 -25.02 -28.42
CA ASN A 996 14.27 -25.50 -29.76
C ASN A 996 13.23 -26.61 -29.78
N TYR A 997 12.85 -27.19 -28.63
CA TYR A 997 11.90 -28.28 -28.63
C TYR A 997 10.86 -28.13 -27.52
N LEU A 998 10.67 -26.92 -27.00
CA LEU A 998 9.62 -26.62 -26.04
C LEU A 998 8.97 -25.26 -26.25
N GLU A 999 9.58 -24.37 -27.03
CA GLU A 999 9.05 -23.03 -27.25
C GLU A 999 8.03 -23.09 -28.39
N GLY A 1000 6.75 -23.07 -28.05
CA GLY A 1000 5.69 -23.09 -29.03
C GLY A 1000 4.55 -22.14 -28.72
#